data_6JW8
#
_entry.id   6JW8
#
_cell.length_a   119.761
_cell.length_b   119.761
_cell.length_c   132.904
_cell.angle_alpha   90.00
_cell.angle_beta   90.00
_cell.angle_gamma   120.00
#
_symmetry.space_group_name_H-M   'P 31 2 1'
#
loop_
_entity.id
_entity.type
_entity.pdbx_description
1 polymer Dehydrogenase
2 non-polymer '1,4-DIHYDRONICOTINAMIDE ADENINE DINUCLEOTIDE'
3 non-polymer (2S,3R,4S,5S,6R)-2-[(1S,2S,3R,4S,6R)-3-[(2R,3R,4R,5S,6R)-6-(aminomethyl)-3-azanyl-4,5-bis(oxidanyl)oxan-2-yl]oxy-4,6-bis(azanyl)-2-oxidanyl-cyclohexyl]oxy-6-(hydroxymethyl)oxane-3,4,5-triol
4 water water
#
_entity_poly.entity_id   1
_entity_poly.type   'polypeptide(L)'
_entity_poly.pdbx_seq_one_letter_code
;MSAPVRVGVVGAGFMGGVHAEVVAAHPGARLEAVHDLDPAAARDLAERFRAERAEPSWADLLADPAIDLLIITTPNGLHH
RQAAEALRAGKHVLVEKPLGVTPEQVAELVELAGRHDRVLAHGSNFVHSPKFVRARQLVADTEAFGRPHLVRVVFRNSGP
EAAWAASKDLAGGGALLDLGCHAVELCRWLLDGADVESVSARLQRVRPPHDAEADRASGTAGTARVALEDQALLVMEFAD
GAVGQCDVSWVTQGGEQVTAEIIGTKGRVEVDLWTGMGLRAYSDKGYQDVWDPEQGWVHPEWEWIRASGYYHQDGTVIEA
VGQGIPLTHGPAEALASARVLATGYRSHAEGRVLRLSGAPVGPGASTTAAGSEKLAAALEHHHHHH
;
_entity_poly.pdbx_strand_id   A,B
#
# COMPACT_ATOMS: atom_id res chain seq x y z
N PRO A 4 -13.97 22.45 1.01
CA PRO A 4 -13.19 21.58 0.11
C PRO A 4 -12.06 22.35 -0.54
N VAL A 5 -10.83 21.88 -0.36
CA VAL A 5 -9.65 22.63 -0.82
C VAL A 5 -9.53 22.64 -2.35
N ARG A 6 -9.61 23.82 -2.95
CA ARG A 6 -9.72 23.91 -4.39
C ARG A 6 -8.30 24.05 -4.92
N VAL A 7 -7.93 23.17 -5.84
CA VAL A 7 -6.53 22.95 -6.20
C VAL A 7 -6.24 23.27 -7.67
N GLY A 8 -5.11 23.93 -7.92
CA GLY A 8 -4.64 24.16 -9.28
C GLY A 8 -3.34 23.43 -9.51
N VAL A 9 -3.23 22.65 -10.60
CA VAL A 9 -1.97 22.04 -10.98
C VAL A 9 -1.27 22.85 -12.06
N VAL A 10 0.01 23.12 -11.86
CA VAL A 10 0.79 23.98 -12.74
C VAL A 10 1.89 23.15 -13.39
N GLY A 11 1.72 22.91 -14.69
CA GLY A 11 2.59 21.97 -15.44
C GLY A 11 2.00 20.58 -15.54
N ALA A 12 1.41 20.28 -16.67
CA ALA A 12 0.63 19.08 -16.80
C ALA A 12 1.43 18.03 -17.48
N GLY A 13 2.58 17.68 -16.89
CA GLY A 13 3.40 16.61 -17.42
C GLY A 13 3.25 15.41 -16.48
N PHE A 14 4.37 14.75 -16.23
CA PHE A 14 4.34 13.50 -15.53
C PHE A 14 3.86 13.70 -14.08
N MET A 15 4.50 14.60 -13.32
CA MET A 15 4.11 14.81 -11.94
C MET A 15 2.84 15.63 -11.81
N GLY A 16 2.54 16.53 -12.75
CA GLY A 16 1.18 17.10 -12.78
C GLY A 16 0.18 15.96 -12.78
N GLY A 17 0.41 14.97 -13.62
CA GLY A 17 -0.43 13.78 -13.72
C GLY A 17 -0.64 12.98 -12.44
N VAL A 18 0.45 12.73 -11.75
CA VAL A 18 0.43 11.99 -10.50
C VAL A 18 -0.32 12.81 -9.41
N HIS A 19 -0.01 14.09 -9.30
CA HIS A 19 -0.64 14.86 -8.29
C HIS A 19 -2.12 15.04 -8.62
N ALA A 20 -2.45 15.20 -9.91
CA ALA A 20 -3.86 15.32 -10.31
C ALA A 20 -4.65 14.06 -9.96
N GLU A 21 -4.04 12.88 -10.15
CA GLU A 21 -4.68 11.63 -9.69
C GLU A 21 -4.97 11.66 -8.16
N VAL A 22 -3.96 11.96 -7.36
CA VAL A 22 -4.12 11.93 -5.93
C VAL A 22 -5.16 12.93 -5.43
N VAL A 23 -5.16 14.11 -6.04
CA VAL A 23 -6.12 15.18 -5.74
C VAL A 23 -7.54 14.76 -6.10
N ALA A 24 -7.71 14.26 -7.30
CA ALA A 24 -9.05 13.78 -7.78
C ALA A 24 -9.67 12.75 -6.86
N ALA A 25 -8.84 11.97 -6.20
CA ALA A 25 -9.26 10.90 -5.30
C ALA A 25 -9.43 11.36 -3.83
N HIS A 26 -9.03 12.58 -3.51
CA HIS A 26 -9.11 13.02 -2.12
C HIS A 26 -10.46 13.66 -1.87
N PRO A 27 -11.21 13.13 -0.88
CA PRO A 27 -12.56 13.65 -0.67
C PRO A 27 -12.57 15.12 -0.19
N GLY A 28 -11.56 15.50 0.59
CA GLY A 28 -11.38 16.88 1.03
C GLY A 28 -10.83 17.89 0.03
N ALA A 29 -10.63 17.52 -1.24
CA ALA A 29 -10.20 18.49 -2.28
C ALA A 29 -10.91 18.35 -3.58
N ARG A 30 -10.79 19.38 -4.40
CA ARG A 30 -11.43 19.45 -5.71
C ARG A 30 -10.36 19.88 -6.68
N LEU A 31 -10.18 19.09 -7.72
CA LEU A 31 -9.24 19.46 -8.78
C LEU A 31 -9.92 20.53 -9.63
N GLU A 32 -9.56 21.80 -9.38
CA GLU A 32 -10.28 22.94 -9.97
C GLU A 32 -9.73 23.33 -11.32
N ALA A 33 -8.41 23.26 -11.44
CA ALA A 33 -7.76 23.82 -12.62
C ALA A 33 -6.44 23.21 -12.96
N VAL A 34 -6.14 23.26 -14.23
CA VAL A 34 -4.88 22.75 -14.71
C VAL A 34 -4.35 23.82 -15.65
N HIS A 35 -3.08 24.16 -15.50
CA HIS A 35 -2.45 25.16 -16.38
C HIS A 35 -1.08 24.67 -16.84
N ASP A 36 -0.77 24.93 -18.11
CA ASP A 36 0.53 24.53 -18.71
C ASP A 36 0.81 25.55 -19.78
N LEU A 37 2.08 25.78 -20.06
CA LEU A 37 2.43 26.65 -21.16
C LEU A 37 1.79 26.04 -22.41
N ASP A 38 1.68 24.71 -22.45
CA ASP A 38 1.11 24.02 -23.60
C ASP A 38 -0.38 23.75 -23.31
N PRO A 39 -1.28 24.62 -23.79
CA PRO A 39 -2.67 24.50 -23.42
C PRO A 39 -3.30 23.11 -23.71
N ALA A 40 -2.78 22.38 -24.68
CA ALA A 40 -3.31 21.10 -25.06
C ALA A 40 -2.97 20.03 -24.03
N ALA A 41 -1.77 20.10 -23.45
CA ALA A 41 -1.42 19.21 -22.34
C ALA A 41 -2.23 19.53 -21.09
N ALA A 42 -2.57 20.79 -20.92
CA ALA A 42 -3.41 21.15 -19.79
C ALA A 42 -4.85 20.62 -19.98
N ARG A 43 -5.43 20.83 -21.16
CA ARG A 43 -6.76 20.32 -21.46
C ARG A 43 -6.83 18.81 -21.33
N ASP A 44 -5.82 18.09 -21.83
CA ASP A 44 -5.82 16.63 -21.74
C ASP A 44 -5.85 16.18 -20.31
N LEU A 45 -5.06 16.80 -19.45
CA LEU A 45 -4.96 16.35 -18.10
C LEU A 45 -6.23 16.78 -17.38
N ALA A 46 -6.78 17.94 -17.75
CA ALA A 46 -8.02 18.37 -17.15
C ALA A 46 -9.13 17.34 -17.39
N GLU A 47 -9.22 16.81 -18.62
CA GLU A 47 -10.22 15.78 -18.95
C GLU A 47 -9.92 14.44 -18.27
N ARG A 48 -8.67 13.98 -18.23
CA ARG A 48 -8.36 12.70 -17.61
C ARG A 48 -8.86 12.65 -16.18
N PHE A 49 -8.66 13.72 -15.43
CA PHE A 49 -8.99 13.67 -14.02
C PHE A 49 -10.15 14.55 -13.62
N ARG A 50 -10.94 14.94 -14.62
CA ARG A 50 -12.22 15.64 -14.41
C ARG A 50 -12.07 16.95 -13.68
N ALA A 51 -11.13 17.76 -14.14
CA ALA A 51 -10.84 19.03 -13.50
C ALA A 51 -11.94 19.98 -13.87
N GLU A 52 -12.34 20.85 -12.94
CA GLU A 52 -13.34 21.90 -13.26
C GLU A 52 -13.03 22.66 -14.54
N ARG A 53 -11.75 22.89 -14.84
CA ARG A 53 -11.39 23.63 -16.07
C ARG A 53 -9.90 23.59 -16.40
N ALA A 54 -9.58 23.95 -17.63
CA ALA A 54 -8.20 24.21 -18.08
C ALA A 54 -7.96 25.72 -18.11
N GLU A 55 -6.92 26.18 -17.42
CA GLU A 55 -6.62 27.63 -17.34
C GLU A 55 -5.43 28.04 -18.21
N PRO A 56 -5.67 28.71 -19.32
CA PRO A 56 -4.54 28.98 -20.17
C PRO A 56 -3.65 30.09 -19.65
N SER A 57 -4.14 30.89 -18.71
CA SER A 57 -3.40 32.08 -18.28
C SER A 57 -2.96 32.02 -16.82
N TRP A 58 -1.65 32.05 -16.66
CA TRP A 58 -1.02 32.13 -15.34
C TRP A 58 -1.55 33.33 -14.54
N ALA A 59 -1.61 34.49 -15.20
CA ALA A 59 -2.12 35.69 -14.56
C ALA A 59 -3.50 35.42 -13.97
N ASP A 60 -4.41 34.94 -14.80
CA ASP A 60 -5.78 34.72 -14.38
C ASP A 60 -5.85 33.63 -13.34
N LEU A 61 -5.03 32.60 -13.52
CA LEU A 61 -4.93 31.61 -12.49
C LEU A 61 -4.67 32.25 -11.13
N LEU A 62 -3.62 33.05 -11.03
CA LEU A 62 -3.21 33.61 -9.73
C LEU A 62 -4.26 34.54 -9.16
N ALA A 63 -4.95 35.27 -10.01
CA ALA A 63 -6.02 36.22 -9.58
C ALA A 63 -7.33 35.54 -9.13
N ASP A 64 -7.60 34.38 -9.70
CA ASP A 64 -8.84 33.66 -9.42
C ASP A 64 -8.92 33.29 -7.93
N PRO A 65 -9.91 33.86 -7.19
CA PRO A 65 -9.97 33.68 -5.74
C PRO A 65 -10.58 32.37 -5.38
N ALA A 66 -11.03 31.61 -6.40
CA ALA A 66 -11.54 30.26 -6.20
C ALA A 66 -10.44 29.23 -5.95
N ILE A 67 -9.17 29.60 -6.12
CA ILE A 67 -8.09 28.63 -5.92
C ILE A 67 -7.49 28.84 -4.57
N ASP A 68 -7.34 27.74 -3.85
CA ASP A 68 -6.74 27.76 -2.53
C ASP A 68 -5.26 27.38 -2.63
N LEU A 69 -4.95 26.44 -3.52
CA LEU A 69 -3.64 25.79 -3.51
C LEU A 69 -3.10 25.52 -4.91
N LEU A 70 -1.81 25.75 -5.07
CA LEU A 70 -1.20 25.44 -6.34
C LEU A 70 -0.14 24.38 -6.19
N ILE A 71 -0.16 23.40 -7.10
CA ILE A 71 0.88 22.36 -7.10
C ILE A 71 1.74 22.62 -8.30
N ILE A 72 3.02 22.86 -8.03
CA ILE A 72 3.90 23.25 -9.10
C ILE A 72 4.79 22.08 -9.56
N THR A 73 4.54 21.65 -10.78
CA THR A 73 5.16 20.49 -11.35
C THR A 73 5.77 20.91 -12.64
N THR A 74 6.49 22.01 -12.62
CA THR A 74 7.18 22.47 -13.81
C THR A 74 8.64 22.14 -13.66
N PRO A 75 9.45 22.52 -14.66
CA PRO A 75 10.89 22.21 -14.55
C PRO A 75 11.55 22.94 -13.42
N ASN A 76 12.61 22.36 -12.86
CA ASN A 76 13.22 22.87 -11.61
C ASN A 76 13.43 24.36 -11.64
N GLY A 77 14.05 24.86 -12.69
CA GLY A 77 14.43 26.29 -12.77
C GLY A 77 13.34 27.33 -12.63
N LEU A 78 12.10 26.91 -12.84
CA LEU A 78 10.88 27.70 -12.74
C LEU A 78 10.30 27.70 -11.34
N HIS A 79 10.74 26.80 -10.49
CA HIS A 79 10.04 26.60 -9.24
C HIS A 79 10.08 27.87 -8.42
N HIS A 80 11.27 28.41 -8.24
CA HIS A 80 11.47 29.64 -7.45
C HIS A 80 10.55 30.81 -7.78
N ARG A 81 10.61 31.24 -9.03
CA ARG A 81 9.83 32.35 -9.51
C ARG A 81 8.33 32.06 -9.42
N GLN A 82 7.90 30.87 -9.86
CA GLN A 82 6.47 30.53 -9.86
C GLN A 82 5.89 30.41 -8.47
N ALA A 83 6.64 29.83 -7.55
CA ALA A 83 6.16 29.74 -6.19
C ALA A 83 6.05 31.12 -5.51
N ALA A 84 6.99 32.01 -5.81
CA ALA A 84 6.99 33.35 -5.20
C ALA A 84 5.79 34.17 -5.66
N GLU A 85 5.58 34.15 -6.98
CA GLU A 85 4.42 34.83 -7.55
C GLU A 85 3.18 34.26 -6.92
N ALA A 86 3.15 32.95 -6.81
CA ALA A 86 2.00 32.30 -6.24
C ALA A 86 1.72 32.75 -4.80
N LEU A 87 2.74 32.80 -3.97
CA LEU A 87 2.56 33.11 -2.56
C LEU A 87 2.17 34.58 -2.43
N ARG A 88 2.73 35.43 -3.29
CA ARG A 88 2.37 36.84 -3.29
C ARG A 88 0.92 36.99 -3.65
N ALA A 89 0.46 36.18 -4.62
CA ALA A 89 -0.96 36.21 -5.04
C ALA A 89 -1.91 35.71 -3.96
N GLY A 90 -1.36 35.17 -2.90
CA GLY A 90 -2.19 34.69 -1.80
C GLY A 90 -2.52 33.23 -1.79
N LYS A 91 -1.94 32.46 -2.70
CA LYS A 91 -2.21 31.01 -2.80
C LYS A 91 -1.25 30.21 -1.92
N HIS A 92 -1.74 29.11 -1.37
CA HIS A 92 -0.87 28.09 -0.75
C HIS A 92 -0.20 27.26 -1.87
N VAL A 93 0.96 26.69 -1.58
CA VAL A 93 1.79 26.12 -2.63
C VAL A 93 2.50 24.84 -2.21
N LEU A 94 2.38 23.82 -3.07
CA LEU A 94 3.20 22.61 -2.98
C LEU A 94 4.07 22.57 -4.22
N VAL A 95 5.38 22.58 -3.99
CA VAL A 95 6.36 22.65 -5.07
C VAL A 95 7.09 21.32 -5.18
N GLU A 96 7.12 20.74 -6.36
CA GLU A 96 7.95 19.52 -6.55
C GLU A 96 9.42 19.80 -6.27
N LYS A 97 10.15 18.77 -5.91
CA LYS A 97 11.55 18.97 -5.60
C LYS A 97 12.28 19.22 -6.88
N PRO A 98 13.39 19.95 -6.81
CA PRO A 98 13.88 20.58 -5.61
C PRO A 98 13.18 21.92 -5.39
N LEU A 99 12.74 22.17 -4.17
CA LEU A 99 11.99 23.39 -3.87
C LEU A 99 12.62 24.61 -4.47
N GLY A 100 13.93 24.72 -4.34
CA GLY A 100 14.71 25.81 -4.97
C GLY A 100 15.93 25.13 -5.56
N VAL A 101 16.72 25.90 -6.31
CA VAL A 101 17.92 25.42 -6.98
C VAL A 101 19.18 25.79 -6.16
N THR A 102 19.01 26.66 -5.16
CA THR A 102 20.07 27.04 -4.23
C THR A 102 19.46 27.31 -2.83
N PRO A 103 20.25 27.26 -1.76
CA PRO A 103 19.73 27.56 -0.44
C PRO A 103 19.08 28.96 -0.32
N GLU A 104 19.62 29.95 -1.03
CA GLU A 104 19.14 31.34 -0.92
C GLU A 104 17.79 31.45 -1.59
N GLN A 105 17.61 30.77 -2.73
CA GLN A 105 16.27 30.63 -3.32
C GLN A 105 15.25 30.00 -2.35
N VAL A 106 15.63 28.92 -1.73
CA VAL A 106 14.76 28.26 -0.76
C VAL A 106 14.46 29.20 0.40
N ALA A 107 15.46 29.90 0.89
CA ALA A 107 15.27 30.74 2.08
C ALA A 107 14.36 31.90 1.76
N GLU A 108 14.49 32.41 0.56
CA GLU A 108 13.61 33.47 0.10
C GLU A 108 12.15 32.96 0.12
N LEU A 109 11.89 31.73 -0.35
CA LEU A 109 10.51 31.25 -0.38
C LEU A 109 9.94 31.05 1.00
N VAL A 110 10.75 30.53 1.93
CA VAL A 110 10.30 30.35 3.30
C VAL A 110 9.96 31.69 3.96
N GLU A 111 10.82 32.67 3.75
CA GLU A 111 10.58 34.02 4.27
C GLU A 111 9.19 34.40 3.79
N LEU A 112 8.98 34.22 2.47
CA LEU A 112 7.78 34.75 1.79
C LEU A 112 6.53 34.14 2.26
N ALA A 113 6.54 32.83 2.36
CA ALA A 113 5.33 32.11 2.72
C ALA A 113 4.84 32.57 4.07
N GLY A 114 5.78 32.77 4.97
CA GLY A 114 5.49 33.28 6.30
C GLY A 114 4.96 34.71 6.28
N ARG A 115 5.57 35.57 5.48
CA ARG A 115 5.07 36.94 5.34
C ARG A 115 3.60 36.92 4.94
N HIS A 116 3.24 36.01 4.02
CA HIS A 116 1.86 35.95 3.52
C HIS A 116 0.99 34.95 4.24
N ASP A 117 1.49 34.36 5.34
CA ASP A 117 0.70 33.42 6.14
C ASP A 117 0.13 32.29 5.28
N ARG A 118 0.97 31.74 4.41
CA ARG A 118 0.59 30.61 3.53
C ARG A 118 1.37 29.34 3.86
N VAL A 119 0.78 28.23 3.48
CA VAL A 119 1.43 26.95 3.60
C VAL A 119 2.31 26.80 2.40
N LEU A 120 3.58 26.55 2.66
CA LEU A 120 4.51 26.18 1.62
C LEU A 120 5.00 24.74 1.90
N ALA A 121 4.82 23.85 0.95
CA ALA A 121 5.30 22.48 1.11
C ALA A 121 6.08 22.07 -0.09
N HIS A 122 6.96 21.12 0.13
CA HIS A 122 7.82 20.69 -0.94
C HIS A 122 7.68 19.20 -1.17
N GLY A 123 8.01 18.72 -2.36
CA GLY A 123 7.75 17.34 -2.74
C GLY A 123 8.73 16.28 -2.26
N SER A 124 8.96 16.20 -0.97
CA SER A 124 9.76 15.11 -0.43
C SER A 124 8.86 13.90 -0.17
N ASN A 125 8.40 13.25 -1.21
CA ASN A 125 7.35 12.26 -1.03
C ASN A 125 7.76 11.02 -0.21
N PHE A 126 9.04 10.66 -0.31
CA PHE A 126 9.51 9.44 0.30
C PHE A 126 9.50 9.43 1.80
N VAL A 127 9.54 10.64 2.34
CA VAL A 127 9.52 10.86 3.73
C VAL A 127 8.11 10.61 4.22
N HIS A 128 7.14 10.44 3.30
CA HIS A 128 5.76 10.08 3.64
C HIS A 128 5.38 8.66 3.11
N SER A 129 6.33 7.94 2.52
CA SER A 129 6.15 6.56 2.13
C SER A 129 5.89 5.65 3.31
N PRO A 130 4.80 4.88 3.28
CA PRO A 130 4.47 4.13 4.47
C PRO A 130 5.53 3.15 4.89
N LYS A 131 6.27 2.59 3.93
CA LYS A 131 7.27 1.61 4.33
C LYS A 131 8.50 2.33 4.89
N PHE A 132 8.76 3.53 4.41
CA PHE A 132 9.79 4.37 5.06
C PHE A 132 9.39 4.90 6.43
N VAL A 133 8.12 5.27 6.62
CA VAL A 133 7.62 5.64 7.95
C VAL A 133 7.87 4.51 8.94
N ARG A 134 7.61 3.28 8.52
CA ARG A 134 7.84 2.11 9.41
C ARG A 134 9.29 1.93 9.70
N ALA A 135 10.11 2.05 8.67
CA ALA A 135 11.53 1.88 8.86
C ALA A 135 11.95 2.86 9.95
N ARG A 136 11.46 4.09 9.88
CA ARG A 136 11.89 5.09 10.85
C ARG A 136 11.48 4.74 12.27
N GLN A 137 10.25 4.24 12.44
CA GLN A 137 9.84 3.76 13.78
C GLN A 137 10.70 2.65 14.29
N LEU A 138 11.22 1.80 13.42
CA LEU A 138 12.02 0.71 13.90
C LEU A 138 13.36 1.22 14.36
N VAL A 139 13.94 2.20 13.65
CA VAL A 139 15.24 2.71 14.09
C VAL A 139 15.05 3.47 15.39
N ALA A 140 13.89 4.08 15.59
CA ALA A 140 13.59 4.82 16.80
C ALA A 140 13.28 3.96 17.98
N ASP A 141 13.10 2.66 17.78
CA ASP A 141 12.89 1.73 18.89
C ASP A 141 14.24 1.44 19.55
N THR A 142 14.62 2.29 20.48
CA THR A 142 15.94 2.22 21.07
C THR A 142 16.30 0.90 21.77
N GLU A 143 15.39 0.29 22.51
CA GLU A 143 15.67 -1.03 23.04
C GLU A 143 16.18 -2.04 21.96
N ALA A 144 15.54 -2.06 20.79
CA ALA A 144 15.90 -3.09 19.75
C ALA A 144 17.05 -2.67 18.89
N PHE A 145 17.03 -1.42 18.46
CA PHE A 145 18.00 -0.90 17.49
C PHE A 145 19.29 -0.37 18.12
N GLY A 146 19.17 0.14 19.36
CA GLY A 146 20.25 0.89 20.02
C GLY A 146 20.45 2.20 19.27
N ARG A 147 21.71 2.63 19.23
CA ARG A 147 22.03 3.94 18.74
C ARG A 147 22.42 3.85 17.30
N PRO A 148 21.78 4.65 16.44
CA PRO A 148 22.12 4.58 15.02
C PRO A 148 23.49 5.15 14.78
N HIS A 149 24.27 4.50 13.95
CA HIS A 149 25.58 4.96 13.61
C HIS A 149 25.83 4.98 12.10
N LEU A 150 25.02 4.31 11.28
CA LEU A 150 25.11 4.41 9.82
C LEU A 150 23.74 4.49 9.18
N VAL A 151 23.63 5.36 8.20
CA VAL A 151 22.46 5.35 7.36
C VAL A 151 22.93 5.59 5.94
N ARG A 152 22.37 4.82 5.00
CA ARG A 152 22.73 4.90 3.59
C ARG A 152 21.48 4.84 2.74
N VAL A 153 21.33 5.79 1.82
CA VAL A 153 20.18 5.80 0.95
C VAL A 153 20.67 5.76 -0.44
N VAL A 154 20.14 4.86 -1.28
CA VAL A 154 20.66 4.67 -2.63
C VAL A 154 19.54 5.01 -3.56
N PHE A 155 19.82 5.79 -4.59
CA PHE A 155 18.80 6.26 -5.49
C PHE A 155 19.41 6.28 -6.89
N ARG A 156 18.96 5.39 -7.76
CA ARG A 156 19.64 5.19 -9.01
C ARG A 156 18.66 4.90 -10.08
N ASN A 157 18.89 5.51 -11.25
CA ASN A 157 18.05 5.19 -12.41
C ASN A 157 18.83 5.48 -13.62
N SER A 158 18.22 5.35 -14.76
CA SER A 158 18.92 5.56 -16.01
C SER A 158 18.76 6.99 -16.48
N GLY A 159 18.16 7.84 -15.65
CA GLY A 159 18.24 9.29 -15.82
C GLY A 159 16.94 9.87 -16.34
N PRO A 160 16.67 11.15 -16.06
CA PRO A 160 15.42 11.75 -16.52
C PRO A 160 15.43 11.93 -18.03
N GLU A 161 14.28 11.71 -18.66
CA GLU A 161 14.14 11.71 -20.11
C GLU A 161 13.92 13.12 -20.67
N ALA A 162 13.25 13.97 -19.91
CA ALA A 162 12.85 15.26 -20.38
C ALA A 162 14.03 16.15 -20.81
N ALA A 163 13.87 16.87 -21.94
CA ALA A 163 14.94 17.71 -22.49
C ALA A 163 15.45 18.74 -21.51
N TRP A 164 14.55 19.24 -20.71
CA TRP A 164 14.88 20.30 -19.80
C TRP A 164 15.79 19.85 -18.67
N ALA A 165 15.78 18.57 -18.38
CA ALA A 165 16.64 18.05 -17.30
C ALA A 165 18.09 17.93 -17.73
N ALA A 166 18.36 18.06 -19.01
CA ALA A 166 19.75 18.08 -19.44
C ALA A 166 20.40 19.50 -19.44
N SER A 167 19.64 20.58 -19.36
CA SER A 167 20.24 21.95 -19.39
C SER A 167 20.34 22.47 -17.97
N LYS A 168 21.47 23.09 -17.67
CA LYS A 168 21.68 23.58 -16.34
C LYS A 168 20.70 24.68 -15.93
N ASP A 169 20.32 25.57 -16.85
CA ASP A 169 19.43 26.70 -16.44
C ASP A 169 18.06 26.17 -16.05
N LEU A 170 17.53 25.24 -16.82
CA LEU A 170 16.23 24.64 -16.53
C LEU A 170 16.26 23.58 -15.43
N ALA A 171 17.38 22.89 -15.23
CA ALA A 171 17.45 21.83 -14.20
C ALA A 171 18.08 22.31 -12.91
N GLY A 172 18.91 23.34 -12.99
CA GLY A 172 19.61 23.84 -11.81
C GLY A 172 20.74 22.98 -11.29
N GLY A 173 20.93 21.81 -11.91
CA GLY A 173 21.92 20.82 -11.44
C GLY A 173 21.72 19.44 -12.04
N GLY A 174 22.70 18.57 -11.80
CA GLY A 174 22.67 17.22 -12.27
C GLY A 174 22.14 16.27 -11.20
N ALA A 175 22.65 15.04 -11.21
CA ALA A 175 22.12 14.01 -10.33
C ALA A 175 22.19 14.32 -8.84
N LEU A 176 23.21 15.03 -8.40
CA LEU A 176 23.26 15.34 -6.96
C LEU A 176 22.06 16.11 -6.49
N LEU A 177 21.60 17.06 -7.30
CA LEU A 177 20.44 17.87 -6.98
C LEU A 177 19.16 17.15 -7.23
N ASP A 178 19.10 16.43 -8.33
CA ASP A 178 17.88 15.77 -8.68
C ASP A 178 17.57 14.63 -7.68
N LEU A 179 18.54 13.74 -7.43
CA LEU A 179 18.31 12.58 -6.59
C LEU A 179 18.87 12.76 -5.18
N GLY A 180 19.97 13.48 -5.03
CA GLY A 180 20.57 13.71 -3.71
C GLY A 180 19.63 14.45 -2.74
N CYS A 181 18.78 15.31 -3.29
CA CYS A 181 17.86 16.00 -2.46
C CYS A 181 17.07 14.96 -1.73
N HIS A 182 16.52 13.99 -2.47
CA HIS A 182 15.75 12.98 -1.83
C HIS A 182 16.58 12.19 -0.84
N ALA A 183 17.79 11.83 -1.21
CA ALA A 183 18.57 10.94 -0.37
C ALA A 183 18.97 11.64 0.94
N VAL A 184 19.45 12.90 0.83
CA VAL A 184 19.86 13.66 2.01
C VAL A 184 18.70 13.77 2.98
N GLU A 185 17.57 14.11 2.42
CA GLU A 185 16.44 14.41 3.21
C GLU A 185 16.04 13.10 3.93
N LEU A 186 16.16 11.96 3.23
CA LEU A 186 15.82 10.65 3.83
C LEU A 186 16.78 10.23 4.92
N CYS A 187 18.07 10.41 4.70
CA CYS A 187 19.01 10.18 5.76
C CYS A 187 18.68 11.06 6.97
N ARG A 188 18.49 12.36 6.81
CA ARG A 188 18.28 13.22 7.98
C ARG A 188 17.04 12.82 8.73
N TRP A 189 16.00 12.42 8.01
CA TRP A 189 14.69 12.19 8.59
C TRP A 189 14.61 10.82 9.22
N LEU A 190 15.30 9.87 8.61
CA LEU A 190 15.40 8.55 9.20
C LEU A 190 16.09 8.62 10.55
N LEU A 191 16.90 9.63 10.77
CA LEU A 191 17.57 9.83 12.05
C LEU A 191 16.91 10.96 12.85
N ASP A 192 15.61 11.17 12.67
CA ASP A 192 14.83 12.06 13.52
C ASP A 192 15.32 13.50 13.39
N GLY A 193 15.66 13.96 12.18
CA GLY A 193 16.13 15.34 11.98
C GLY A 193 17.53 15.62 12.51
N ALA A 194 18.41 14.67 12.33
CA ALA A 194 19.82 14.79 12.74
C ALA A 194 20.53 16.02 12.19
N ASP A 195 21.32 16.65 13.03
CA ASP A 195 22.10 17.81 12.66
C ASP A 195 23.38 17.39 11.91
N VAL A 196 23.57 18.00 10.74
CA VAL A 196 24.78 17.78 9.94
C VAL A 196 25.96 18.63 10.40
N GLU A 197 27.12 18.02 10.63
CA GLU A 197 28.32 18.74 11.06
C GLU A 197 29.29 18.95 9.91
N SER A 198 29.42 17.92 9.05
CA SER A 198 30.27 18.02 7.84
C SER A 198 29.67 17.33 6.64
N VAL A 199 30.17 17.70 5.47
CA VAL A 199 29.70 17.16 4.21
C VAL A 199 30.86 16.96 3.31
N SER A 200 30.83 15.81 2.64
CA SER A 200 31.89 15.43 1.74
C SER A 200 31.29 14.78 0.49
N ALA A 201 31.73 15.19 -0.70
CA ALA A 201 31.18 14.67 -1.90
C ALA A 201 32.14 14.67 -3.06
N ARG A 202 31.89 13.68 -3.94
CA ARG A 202 32.64 13.49 -5.18
C ARG A 202 31.64 13.17 -6.26
N LEU A 203 31.79 13.81 -7.42
CA LEU A 203 30.85 13.67 -8.53
C LEU A 203 31.55 13.07 -9.74
N GLN A 204 30.76 12.43 -10.57
CA GLN A 204 31.26 11.85 -11.81
C GLN A 204 30.48 12.34 -12.99
N ARG A 205 31.14 12.38 -14.14
N ARG A 205 31.15 12.36 -14.12
CA ARG A 205 30.42 12.52 -15.40
CA ARG A 205 30.48 12.50 -15.40
C ARG A 205 30.71 11.25 -16.19
C ARG A 205 30.73 11.23 -16.17
N VAL A 206 29.79 10.31 -16.11
CA VAL A 206 29.93 9.01 -16.78
C VAL A 206 29.60 9.07 -18.29
N ARG A 207 28.40 9.56 -18.64
CA ARG A 207 28.00 9.72 -20.05
C ARG A 207 28.92 10.71 -20.76
N PRO A 208 29.19 10.48 -22.06
CA PRO A 208 30.00 11.48 -22.81
C PRO A 208 29.39 12.90 -22.88
N PRO A 209 30.26 13.93 -23.06
CA PRO A 209 29.91 15.35 -23.36
C PRO A 209 28.65 15.56 -24.21
N ALA A 227 29.36 20.11 -18.43
CA ALA A 227 28.35 19.01 -18.37
C ALA A 227 27.84 18.64 -16.95
N LEU A 228 26.54 18.41 -16.82
CA LEU A 228 25.97 18.07 -15.52
C LEU A 228 26.47 16.68 -15.04
N GLU A 229 26.78 16.55 -13.75
CA GLU A 229 27.12 15.27 -13.14
C GLU A 229 25.95 14.34 -13.31
N ASP A 230 26.28 13.10 -13.65
CA ASP A 230 25.26 11.99 -13.72
C ASP A 230 25.43 10.88 -12.64
N GLN A 231 26.38 11.07 -11.73
CA GLN A 231 26.51 10.16 -10.64
C GLN A 231 27.25 10.90 -9.47
N ALA A 232 26.91 10.53 -8.25
CA ALA A 232 27.52 11.17 -7.11
C ALA A 232 27.47 10.34 -5.88
N LEU A 233 28.48 10.52 -5.04
CA LEU A 233 28.43 10.03 -3.67
C LEU A 233 28.54 11.27 -2.74
N LEU A 234 27.64 11.38 -1.78
CA LEU A 234 27.73 12.42 -0.74
C LEU A 234 27.68 11.80 0.62
N VAL A 235 28.55 12.23 1.51
CA VAL A 235 28.62 11.68 2.84
C VAL A 235 28.44 12.77 3.90
N MET A 236 27.58 12.53 4.88
CA MET A 236 27.37 13.46 5.96
C MET A 236 27.86 12.90 7.27
N GLU A 237 28.48 13.75 8.08
CA GLU A 237 28.75 13.40 9.47
C GLU A 237 27.75 14.09 10.36
N PHE A 238 27.06 13.34 11.21
CA PHE A 238 26.04 13.92 12.05
C PHE A 238 26.57 14.15 13.46
N ALA A 239 25.86 15.00 14.21
CA ALA A 239 26.32 15.50 15.55
C ALA A 239 26.52 14.37 16.54
N ASP A 240 25.51 13.50 16.62
CA ASP A 240 25.49 12.32 17.45
C ASP A 240 26.55 11.23 17.07
N GLY A 241 27.47 11.48 16.14
CA GLY A 241 28.45 10.48 15.74
C GLY A 241 28.11 9.67 14.48
N ALA A 242 26.85 9.62 14.06
CA ALA A 242 26.51 8.77 12.91
C ALA A 242 26.98 9.35 11.58
N VAL A 243 27.13 8.46 10.57
CA VAL A 243 27.49 8.83 9.20
C VAL A 243 26.42 8.42 8.15
N GLY A 244 26.11 9.34 7.26
CA GLY A 244 25.11 9.14 6.25
C GLY A 244 25.71 9.16 4.88
N GLN A 245 25.48 8.09 4.11
CA GLN A 245 25.86 8.05 2.68
C GLN A 245 24.66 8.19 1.77
N CYS A 246 24.78 9.05 0.78
CA CYS A 246 23.79 9.19 -0.25
C CYS A 246 24.47 8.84 -1.54
N ASP A 247 23.98 7.82 -2.28
CA ASP A 247 24.66 7.30 -3.48
C ASP A 247 23.67 7.38 -4.57
N VAL A 248 23.98 8.14 -5.61
CA VAL A 248 22.93 8.64 -6.47
C VAL A 248 23.39 8.56 -7.87
N SER A 249 22.51 8.21 -8.80
CA SER A 249 22.97 7.89 -10.16
C SER A 249 21.91 8.08 -11.22
N TRP A 250 22.32 8.60 -12.36
CA TRP A 250 21.48 8.69 -13.51
C TRP A 250 21.90 7.70 -14.56
N VAL A 251 22.78 6.78 -14.19
CA VAL A 251 23.45 5.95 -15.17
C VAL A 251 23.46 4.40 -14.81
N THR A 252 22.44 4.03 -14.06
CA THR A 252 22.20 2.68 -13.70
C THR A 252 21.05 2.06 -14.53
N GLN A 253 21.36 1.06 -15.37
CA GLN A 253 20.31 0.44 -16.19
C GLN A 253 19.66 -0.63 -15.32
N GLY A 254 18.53 -1.17 -15.74
CA GLY A 254 18.00 -2.34 -15.11
C GLY A 254 16.81 -2.07 -14.26
N GLY A 255 16.43 -0.80 -14.12
CA GLY A 255 15.27 -0.42 -13.34
C GLY A 255 15.67 0.45 -12.17
N GLU A 256 14.83 1.42 -11.86
CA GLU A 256 15.08 2.31 -10.74
C GLU A 256 15.34 1.55 -9.44
N GLN A 257 16.29 2.03 -8.66
CA GLN A 257 16.50 1.49 -7.36
C GLN A 257 16.33 2.61 -6.31
N VAL A 258 15.45 2.38 -5.34
CA VAL A 258 15.34 3.19 -4.13
C VAL A 258 15.46 2.31 -2.87
N THR A 259 16.62 2.30 -2.22
CA THR A 259 16.86 1.46 -1.03
C THR A 259 17.49 2.31 0.06
N ALA A 260 17.28 1.89 1.31
CA ALA A 260 17.99 2.48 2.44
C ALA A 260 18.40 1.36 3.35
N GLU A 261 19.41 1.61 4.13
CA GLU A 261 19.69 0.74 5.28
C GLU A 261 20.15 1.61 6.46
N ILE A 262 19.82 1.20 7.67
CA ILE A 262 20.26 1.89 8.83
C ILE A 262 20.86 0.84 9.69
N ILE A 263 21.99 1.14 10.31
CA ILE A 263 22.66 0.20 11.21
C ILE A 263 22.92 0.89 12.56
N GLY A 264 22.51 0.26 13.65
CA GLY A 264 22.75 0.76 14.99
C GLY A 264 23.70 -0.13 15.78
N THR A 265 23.86 0.19 17.05
CA THR A 265 24.70 -0.63 17.91
C THR A 265 24.08 -1.98 18.20
N LYS A 266 22.75 -2.07 18.21
CA LYS A 266 22.08 -3.39 18.37
C LYS A 266 21.42 -3.93 17.10
N GLY A 267 20.87 -3.05 16.28
CA GLY A 267 20.08 -3.46 15.16
C GLY A 267 20.58 -3.08 13.80
N ARG A 268 19.72 -3.45 12.85
CA ARG A 268 19.82 -3.24 11.42
C ARG A 268 18.43 -3.11 10.85
N VAL A 269 18.27 -2.24 9.88
CA VAL A 269 17.03 -2.12 9.17
C VAL A 269 17.28 -1.83 7.70
N GLU A 270 16.56 -2.53 6.81
CA GLU A 270 16.70 -2.36 5.35
C GLU A 270 15.35 -2.11 4.77
N VAL A 271 15.32 -1.25 3.77
CA VAL A 271 14.12 -0.86 3.08
C VAL A 271 14.37 -0.94 1.61
N ASP A 272 13.43 -1.47 0.85
CA ASP A 272 13.60 -1.65 -0.56
C ASP A 272 12.28 -1.24 -1.19
N LEU A 273 12.31 -0.18 -1.99
CA LEU A 273 11.09 0.25 -2.60
C LEU A 273 10.69 -0.57 -3.82
N TRP A 274 11.58 -0.68 -4.82
CA TRP A 274 11.13 -1.17 -6.14
C TRP A 274 11.23 -2.69 -6.35
N THR A 275 12.06 -3.37 -5.55
CA THR A 275 12.19 -4.81 -5.61
C THR A 275 11.78 -5.34 -4.30
N GLY A 276 10.96 -4.57 -3.58
CA GLY A 276 10.32 -5.02 -2.37
C GLY A 276 8.80 -4.88 -2.43
N MET A 277 8.24 -5.19 -3.61
CA MET A 277 6.81 -5.25 -3.80
C MET A 277 6.24 -6.65 -3.67
N GLY A 278 7.13 -7.66 -3.58
CA GLY A 278 6.74 -9.08 -3.54
C GLY A 278 5.92 -9.56 -4.71
N LEU A 279 6.27 -9.08 -5.90
CA LEU A 279 5.73 -9.57 -7.13
C LEU A 279 6.88 -9.82 -8.08
N ARG A 280 6.89 -10.97 -8.77
CA ARG A 280 7.85 -11.25 -9.84
C ARG A 280 7.18 -11.89 -10.98
N ALA A 281 7.70 -11.60 -12.18
CA ALA A 281 7.12 -12.17 -13.39
C ALA A 281 8.16 -12.37 -14.41
N TYR A 282 7.90 -13.33 -15.25
CA TYR A 282 8.77 -13.62 -16.37
C TYR A 282 7.96 -13.70 -17.63
N SER A 283 8.47 -13.07 -18.67
CA SER A 283 8.06 -13.35 -20.03
C SER A 283 9.22 -13.17 -21.00
N ASP A 284 9.09 -13.81 -22.17
CA ASP A 284 9.92 -13.49 -23.31
C ASP A 284 9.56 -12.11 -23.90
N LYS A 285 8.30 -11.93 -24.30
CA LYS A 285 7.79 -10.68 -24.88
C LYS A 285 8.00 -9.44 -24.02
N GLY A 286 7.32 -9.39 -22.88
CA GLY A 286 7.26 -8.22 -22.04
C GLY A 286 5.80 -8.04 -21.66
N TYR A 287 5.51 -7.69 -20.42
CA TYR A 287 4.13 -7.56 -19.98
C TYR A 287 3.63 -6.16 -20.35
N GLN A 288 2.40 -6.10 -20.81
CA GLN A 288 1.79 -4.88 -21.27
C GLN A 288 1.89 -3.75 -20.28
N ASP A 289 1.69 -4.00 -18.99
CA ASP A 289 1.68 -2.85 -18.14
C ASP A 289 2.87 -2.78 -17.17
N VAL A 290 4.04 -3.08 -17.68
CA VAL A 290 5.22 -3.12 -16.87
C VAL A 290 6.28 -2.40 -17.60
N TRP A 291 6.92 -1.48 -16.89
CA TRP A 291 7.62 -0.38 -17.49
C TRP A 291 8.88 -0.83 -18.21
N ASP A 292 9.75 -1.34 -17.36
CA ASP A 292 11.13 -1.59 -17.75
C ASP A 292 11.77 -2.39 -16.59
N PRO A 293 12.85 -3.14 -16.88
CA PRO A 293 12.99 -3.69 -18.24
C PRO A 293 11.64 -4.30 -18.72
N GLU A 294 11.45 -4.56 -20.01
CA GLU A 294 10.16 -5.08 -20.46
C GLU A 294 10.19 -6.60 -20.28
N GLN A 295 11.22 -7.17 -20.92
CA GLN A 295 11.40 -8.61 -21.10
C GLN A 295 12.18 -9.32 -20.00
N GLY A 296 11.92 -10.62 -19.87
CA GLY A 296 12.69 -11.46 -18.96
C GLY A 296 12.13 -11.31 -17.56
N TRP A 297 12.97 -11.40 -16.55
CA TRP A 297 12.45 -11.41 -15.17
C TRP A 297 12.25 -10.00 -14.73
N VAL A 298 11.03 -9.67 -14.33
CA VAL A 298 10.81 -8.32 -13.90
C VAL A 298 10.21 -8.33 -12.52
N HIS A 299 10.06 -7.13 -11.97
CA HIS A 299 9.51 -6.94 -10.63
C HIS A 299 8.34 -6.00 -10.70
N PRO A 300 7.20 -6.49 -11.08
CA PRO A 300 6.15 -5.53 -11.30
C PRO A 300 5.72 -4.86 -10.02
N GLU A 301 5.28 -3.62 -10.25
CA GLU A 301 4.80 -2.62 -9.34
C GLU A 301 3.32 -2.85 -9.06
N TRP A 302 2.93 -2.69 -7.83
CA TRP A 302 1.52 -2.48 -7.46
C TRP A 302 1.45 -1.23 -6.57
N GLU A 303 0.46 -0.37 -6.81
CA GLU A 303 0.21 0.90 -6.08
C GLU A 303 1.47 1.73 -5.84
N TRP A 304 2.23 1.96 -6.92
CA TRP A 304 3.53 2.62 -6.80
C TRP A 304 3.39 4.04 -6.27
N ILE A 305 2.32 4.71 -6.61
CA ILE A 305 2.13 6.09 -6.21
C ILE A 305 1.99 6.16 -4.68
N ARG A 306 1.16 5.26 -4.13
CA ARG A 306 0.96 5.23 -2.68
C ARG A 306 2.23 4.79 -1.94
N ALA A 307 2.78 3.67 -2.40
CA ALA A 307 4.03 3.17 -1.85
C ALA A 307 5.13 4.25 -1.80
N SER A 308 5.12 5.13 -2.78
CA SER A 308 6.16 6.17 -2.85
C SER A 308 5.91 7.38 -1.96
N GLY A 309 4.73 7.46 -1.34
CA GLY A 309 4.39 8.53 -0.40
C GLY A 309 3.57 9.69 -0.95
N TYR A 310 3.22 9.69 -2.23
CA TYR A 310 2.51 10.80 -2.82
C TYR A 310 1.12 11.04 -2.21
N TYR A 311 0.36 9.98 -1.94
CA TYR A 311 -0.98 10.15 -1.39
C TYR A 311 -0.87 10.74 -0.01
N HIS A 312 0.09 10.29 0.76
CA HIS A 312 0.16 10.77 2.13
C HIS A 312 0.68 12.20 2.20
N GLN A 313 1.66 12.49 1.36
CA GLN A 313 2.25 13.76 1.26
C GLN A 313 1.15 14.77 0.92
N ASP A 314 0.58 14.61 -0.27
CA ASP A 314 -0.47 15.51 -0.68
C ASP A 314 -1.62 15.56 0.35
N GLY A 315 -1.96 14.44 0.96
CA GLY A 315 -2.96 14.43 2.02
C GLY A 315 -2.59 15.32 3.18
N THR A 316 -1.35 15.25 3.64
CA THR A 316 -0.82 16.16 4.67
C THR A 316 -0.99 17.64 4.30
N VAL A 317 -0.68 17.94 3.05
CA VAL A 317 -0.74 19.31 2.58
C VAL A 317 -2.17 19.73 2.50
N ILE A 318 -3.03 18.90 1.92
CA ILE A 318 -4.47 19.25 1.84
C ILE A 318 -5.02 19.53 3.25
N GLU A 319 -4.55 18.76 4.23
CA GLU A 319 -4.97 18.96 5.60
C GLU A 319 -4.42 20.23 6.17
N ALA A 320 -3.16 20.55 5.90
CA ALA A 320 -2.59 21.80 6.40
C ALA A 320 -3.37 23.02 5.92
N VAL A 321 -3.74 23.02 4.65
CA VAL A 321 -4.50 24.11 4.08
C VAL A 321 -5.94 24.07 4.54
N GLY A 322 -6.55 22.92 4.43
CA GLY A 322 -7.96 22.78 4.76
C GLY A 322 -8.21 23.30 6.15
N GLN A 323 -7.33 22.96 7.10
CA GLN A 323 -7.41 23.45 8.49
C GLN A 323 -6.08 23.72 9.25
N GLY A 324 -5.22 24.60 8.73
CA GLY A 324 -4.04 25.07 9.45
C GLY A 324 -3.43 24.08 10.43
N ILE A 325 -3.29 22.82 10.01
CA ILE A 325 -2.46 21.84 10.71
C ILE A 325 -1.05 22.06 10.17
N PRO A 326 -0.13 22.59 10.99
CA PRO A 326 1.22 22.65 10.41
C PRO A 326 1.75 21.27 9.94
N LEU A 327 2.70 21.33 9.04
CA LEU A 327 3.13 20.19 8.32
C LEU A 327 4.07 19.35 9.15
N THR A 328 3.88 18.04 9.17
CA THR A 328 4.80 17.17 9.89
C THR A 328 6.24 17.46 9.43
N HIS A 329 6.45 17.49 8.10
CA HIS A 329 7.74 17.68 7.48
C HIS A 329 7.75 18.98 6.70
N GLY A 330 8.28 20.06 7.27
CA GLY A 330 8.14 21.40 6.67
C GLY A 330 9.27 21.84 5.73
N PRO A 331 9.07 22.97 5.04
CA PRO A 331 10.10 23.52 4.16
C PRO A 331 11.45 23.92 4.82
N ALA A 332 11.49 24.11 6.12
CA ALA A 332 12.80 24.24 6.78
C ALA A 332 13.67 23.04 6.43
N GLU A 333 13.07 21.86 6.30
CA GLU A 333 13.85 20.65 5.95
C GLU A 333 14.43 20.77 4.55
N ALA A 334 13.75 21.50 3.68
CA ALA A 334 14.24 21.73 2.33
C ALA A 334 15.43 22.70 2.35
N LEU A 335 15.39 23.67 3.26
CA LEU A 335 16.51 24.56 3.40
C LEU A 335 17.72 23.76 3.88
N ALA A 336 17.51 22.92 4.86
CA ALA A 336 18.63 22.15 5.43
C ALA A 336 19.27 21.27 4.33
N SER A 337 18.43 20.62 3.54
CA SER A 337 18.95 19.70 2.53
C SER A 337 19.64 20.49 1.42
N ALA A 338 19.09 21.66 1.10
CA ALA A 338 19.71 22.55 0.11
C ALA A 338 21.09 22.97 0.53
N ARG A 339 21.27 23.23 1.82
CA ARG A 339 22.58 23.65 2.31
C ARG A 339 23.54 22.49 2.22
N VAL A 340 23.05 21.28 2.51
CA VAL A 340 23.89 20.12 2.42
C VAL A 340 24.43 19.97 1.00
N LEU A 341 23.52 20.09 0.02
CA LEU A 341 23.86 19.87 -1.38
C LEU A 341 24.80 20.92 -1.89
N ALA A 342 24.48 22.19 -1.65
CA ALA A 342 25.41 23.23 -1.99
C ALA A 342 26.77 22.99 -1.33
N THR A 343 26.81 22.48 -0.12
CA THR A 343 28.09 22.22 0.51
C THR A 343 28.76 21.02 -0.20
N GLY A 344 27.95 20.06 -0.62
CA GLY A 344 28.48 18.92 -1.41
C GLY A 344 29.13 19.35 -2.72
N TYR A 345 28.45 20.21 -3.48
CA TYR A 345 29.03 20.75 -4.70
C TYR A 345 30.38 21.36 -4.44
N ARG A 346 30.46 22.12 -3.35
CA ARG A 346 31.68 22.78 -3.02
C ARG A 346 32.75 21.80 -2.51
N SER A 347 32.34 20.84 -1.71
CA SER A 347 33.28 19.79 -1.28
C SER A 347 33.96 19.10 -2.47
N HIS A 348 33.18 18.85 -3.51
CA HIS A 348 33.68 18.25 -4.71
C HIS A 348 34.67 19.16 -5.38
N ALA A 349 34.26 20.39 -5.67
CA ALA A 349 35.17 21.35 -6.25
C ALA A 349 36.48 21.44 -5.53
N GLU A 350 36.46 21.39 -4.20
CA GLU A 350 37.70 21.66 -3.42
C GLU A 350 38.34 20.37 -2.92
N GLY A 351 37.71 19.21 -3.11
CA GLY A 351 38.36 17.97 -2.72
C GLY A 351 38.53 17.84 -1.23
N ARG A 352 37.58 18.34 -0.48
CA ARG A 352 37.75 18.51 0.95
C ARG A 352 36.48 18.28 1.67
N VAL A 353 36.57 17.77 2.89
CA VAL A 353 35.41 17.70 3.78
C VAL A 353 35.12 19.08 4.39
N LEU A 354 33.84 19.50 4.41
CA LEU A 354 33.47 20.91 4.70
C LEU A 354 32.36 21.02 5.76
N ARG A 355 32.38 22.11 6.54
CA ARG A 355 31.24 22.45 7.42
C ARG A 355 30.17 23.09 6.56
N LEU A 356 28.92 23.07 6.97
CA LEU A 356 27.87 23.79 6.25
C LEU A 356 28.19 25.27 6.06
N SER A 357 28.93 25.88 6.97
CA SER A 357 29.39 27.23 6.75
C SER A 357 30.16 27.33 5.42
N GLY A 358 30.76 26.23 4.97
CA GLY A 358 31.61 26.22 3.79
C GLY A 358 33.09 26.08 4.14
N ALA A 359 33.41 26.18 5.43
CA ALA A 359 34.78 26.15 5.84
C ALA A 359 35.27 24.74 5.97
N PRO A 360 36.56 24.50 5.70
CA PRO A 360 37.14 23.17 5.85
C PRO A 360 37.17 22.63 7.28
N VAL A 361 36.92 21.35 7.47
CA VAL A 361 36.97 20.78 8.81
C VAL A 361 38.41 20.66 9.37
N GLY A 362 39.38 20.19 8.57
CA GLY A 362 40.74 19.85 9.09
C GLY A 362 40.78 18.74 10.16
N PRO B 4 -24.82 8.03 3.20
CA PRO B 4 -23.83 7.45 4.13
C PRO B 4 -24.31 6.10 4.73
N VAL B 5 -23.50 5.05 4.60
CA VAL B 5 -23.81 3.69 5.05
C VAL B 5 -23.50 3.38 6.52
N ARG B 6 -24.54 3.07 7.28
CA ARG B 6 -24.39 2.98 8.72
C ARG B 6 -24.13 1.54 9.06
N VAL B 7 -23.06 1.28 9.81
CA VAL B 7 -22.48 -0.07 9.90
C VAL B 7 -22.42 -0.60 11.32
N GLY B 8 -22.74 -1.88 11.49
CA GLY B 8 -22.60 -2.54 12.78
C GLY B 8 -21.62 -3.68 12.72
N VAL B 9 -20.71 -3.77 13.68
CA VAL B 9 -19.77 -4.88 13.76
C VAL B 9 -20.21 -5.86 14.83
N VAL B 10 -20.26 -7.14 14.48
CA VAL B 10 -20.74 -8.18 15.33
C VAL B 10 -19.58 -9.12 15.67
N GLY B 11 -19.13 -9.05 16.91
CA GLY B 11 -17.96 -9.80 17.38
C GLY B 11 -16.74 -8.89 17.38
N ALA B 12 -16.35 -8.41 18.55
CA ALA B 12 -15.31 -7.42 18.64
C ALA B 12 -14.02 -8.08 19.06
N GLY B 13 -13.56 -9.03 18.28
CA GLY B 13 -12.25 -9.61 18.49
C GLY B 13 -11.34 -9.09 17.37
N PHE B 14 -10.52 -9.98 16.84
CA PHE B 14 -9.43 -9.58 15.97
C PHE B 14 -9.99 -9.02 14.68
N MET B 15 -10.88 -9.74 14.00
CA MET B 15 -11.43 -9.24 12.73
C MET B 15 -12.50 -8.18 12.92
N GLY B 16 -13.23 -8.21 14.01
CA GLY B 16 -14.05 -7.04 14.34
C GLY B 16 -13.18 -5.77 14.37
N GLY B 17 -12.05 -5.88 15.05
CA GLY B 17 -11.02 -4.82 15.09
C GLY B 17 -10.55 -4.29 13.75
N VAL B 18 -10.31 -5.20 12.83
CA VAL B 18 -9.83 -4.87 11.50
C VAL B 18 -10.91 -4.18 10.66
N HIS B 19 -12.09 -4.74 10.68
CA HIS B 19 -13.17 -4.18 9.94
C HIS B 19 -13.57 -2.86 10.52
N ALA B 20 -13.51 -2.73 11.85
CA ALA B 20 -13.82 -1.46 12.48
C ALA B 20 -12.86 -0.35 12.08
N GLU B 21 -11.57 -0.68 12.00
CA GLU B 21 -10.58 0.28 11.45
C GLU B 21 -10.97 0.73 10.01
N VAL B 22 -11.29 -0.21 9.15
CA VAL B 22 -11.52 0.12 7.73
C VAL B 22 -12.76 0.94 7.52
N VAL B 23 -13.77 0.59 8.30
CA VAL B 23 -15.03 1.29 8.31
C VAL B 23 -14.87 2.72 8.87
N ALA B 24 -14.16 2.87 9.98
CA ALA B 24 -13.91 4.22 10.58
C ALA B 24 -13.23 5.15 9.62
N ALA B 25 -12.40 4.59 8.75
CA ALA B 25 -11.63 5.34 7.76
C ALA B 25 -12.35 5.57 6.41
N HIS B 26 -13.51 4.97 6.20
CA HIS B 26 -14.19 5.15 4.94
C HIS B 26 -15.12 6.34 5.00
N PRO B 27 -14.96 7.28 4.08
CA PRO B 27 -15.74 8.52 4.19
C PRO B 27 -17.22 8.29 3.92
N GLY B 28 -17.51 7.35 3.04
CA GLY B 28 -18.90 6.93 2.76
C GLY B 28 -19.62 6.02 3.77
N ALA B 29 -18.99 5.74 4.92
CA ALA B 29 -19.67 4.99 5.99
C ALA B 29 -19.46 5.56 7.36
N ARG B 30 -20.28 5.09 8.29
CA ARG B 30 -20.23 5.50 9.67
C ARG B 30 -20.24 4.25 10.53
N LEU B 31 -19.26 4.09 11.41
CA LEU B 31 -19.25 2.98 12.36
C LEU B 31 -20.26 3.28 13.45
N GLU B 32 -21.46 2.71 13.32
CA GLU B 32 -22.59 3.08 14.20
C GLU B 32 -22.67 2.24 15.47
N ALA B 33 -22.25 0.98 15.39
CA ALA B 33 -22.38 0.09 16.54
C ALA B 33 -21.40 -1.05 16.59
N VAL B 34 -21.14 -1.51 17.80
CA VAL B 34 -20.32 -2.67 18.00
C VAL B 34 -21.01 -3.57 18.99
N HIS B 35 -21.10 -4.85 18.67
CA HIS B 35 -21.71 -5.82 19.58
C HIS B 35 -20.86 -7.08 19.72
N ASP B 36 -20.84 -7.62 20.93
CA ASP B 36 -20.14 -8.85 21.26
C ASP B 36 -20.89 -9.53 22.39
N LEU B 37 -20.75 -10.84 22.47
CA LEU B 37 -21.25 -11.59 23.59
C LEU B 37 -20.65 -11.01 24.86
N ASP B 38 -19.41 -10.56 24.75
CA ASP B 38 -18.68 -9.98 25.87
C ASP B 38 -18.79 -8.45 25.82
N PRO B 39 -19.73 -7.89 26.58
CA PRO B 39 -20.03 -6.47 26.42
C PRO B 39 -18.82 -5.56 26.58
N ALA B 40 -17.82 -5.99 27.36
CA ALA B 40 -16.62 -5.20 27.59
C ALA B 40 -15.69 -5.13 26.36
N ALA B 41 -15.57 -6.22 25.64
CA ALA B 41 -14.81 -6.22 24.42
C ALA B 41 -15.48 -5.34 23.35
N ALA B 42 -16.81 -5.25 23.42
CA ALA B 42 -17.53 -4.42 22.48
C ALA B 42 -17.30 -2.96 22.80
N ARG B 43 -17.39 -2.61 24.09
CA ARG B 43 -17.10 -1.24 24.49
C ARG B 43 -15.67 -0.79 24.18
N ASP B 44 -14.68 -1.68 24.40
CA ASP B 44 -13.27 -1.45 24.05
C ASP B 44 -13.15 -1.02 22.62
N LEU B 45 -13.77 -1.79 21.74
CA LEU B 45 -13.59 -1.57 20.36
C LEU B 45 -14.38 -0.35 19.92
N ALA B 46 -15.52 -0.11 20.55
CA ALA B 46 -16.31 1.06 20.22
C ALA B 46 -15.56 2.35 20.52
N GLU B 47 -14.84 2.39 21.62
CA GLU B 47 -14.03 3.55 21.94
C GLU B 47 -12.78 3.72 21.06
N ARG B 48 -12.12 2.60 20.77
CA ARG B 48 -10.95 2.62 19.95
C ARG B 48 -11.20 3.25 18.59
N PHE B 49 -12.35 2.96 17.98
CA PHE B 49 -12.63 3.46 16.64
C PHE B 49 -13.79 4.45 16.57
N ARG B 50 -14.13 5.04 17.72
CA ARG B 50 -15.16 6.10 17.82
C ARG B 50 -16.52 5.69 17.27
N ALA B 51 -17.01 4.55 17.71
CA ALA B 51 -18.29 4.05 17.22
C ALA B 51 -19.39 4.85 17.89
N GLU B 52 -20.47 5.17 17.18
CA GLU B 52 -21.61 5.86 17.79
C GLU B 52 -22.00 5.23 19.13
N ARG B 53 -21.91 3.90 19.26
CA ARG B 53 -22.34 3.20 20.49
C ARG B 53 -21.93 1.71 20.55
N ALA B 54 -21.95 1.15 21.77
CA ALA B 54 -21.75 -0.29 22.03
C ALA B 54 -23.10 -0.94 22.30
N GLU B 55 -23.47 -1.95 21.51
CA GLU B 55 -24.81 -2.52 21.62
C GLU B 55 -24.76 -3.85 22.35
N PRO B 56 -25.29 -3.89 23.57
CA PRO B 56 -25.13 -5.17 24.24
C PRO B 56 -26.06 -6.23 23.72
N SER B 57 -27.12 -5.82 23.00
CA SER B 57 -28.21 -6.73 22.67
C SER B 57 -28.36 -6.99 21.22
N TRP B 58 -28.15 -8.25 20.88
CA TRP B 58 -28.33 -8.76 19.49
C TRP B 58 -29.73 -8.42 18.94
N ALA B 59 -30.72 -8.67 19.78
CA ALA B 59 -32.11 -8.39 19.45
C ALA B 59 -32.25 -6.92 19.02
N ASP B 60 -31.75 -6.03 19.89
CA ASP B 60 -31.90 -4.58 19.68
C ASP B 60 -31.04 -4.10 18.55
N LEU B 61 -29.87 -4.70 18.44
CA LEU B 61 -29.06 -4.49 17.25
C LEU B 61 -29.84 -4.73 15.95
N LEU B 62 -30.48 -5.89 15.83
CA LEU B 62 -31.15 -6.23 14.56
C LEU B 62 -32.40 -5.37 14.32
N ALA B 63 -33.08 -4.97 15.39
CA ALA B 63 -34.29 -4.09 15.33
C ALA B 63 -33.99 -2.62 15.01
N ASP B 64 -32.80 -2.15 15.40
CA ASP B 64 -32.43 -0.75 15.20
C ASP B 64 -32.46 -0.40 13.73
N PRO B 65 -33.42 0.45 13.29
CA PRO B 65 -33.52 0.82 11.86
C PRO B 65 -32.46 1.82 11.40
N ALA B 66 -31.61 2.31 12.31
CA ALA B 66 -30.45 3.12 11.94
C ALA B 66 -29.31 2.30 11.29
N ILE B 67 -29.35 0.98 11.28
CA ILE B 67 -28.27 0.20 10.73
C ILE B 67 -28.61 -0.28 9.31
N ASP B 68 -27.67 -0.08 8.40
CA ASP B 68 -27.81 -0.53 7.03
C ASP B 68 -27.11 -1.90 6.84
N LEU B 69 -25.99 -2.12 7.53
CA LEU B 69 -25.09 -3.20 7.23
C LEU B 69 -24.44 -3.80 8.46
N LEU B 70 -24.34 -5.12 8.47
CA LEU B 70 -23.69 -5.78 9.58
C LEU B 70 -22.48 -6.53 9.11
N ILE B 71 -21.40 -6.42 9.88
CA ILE B 71 -20.23 -7.20 9.60
C ILE B 71 -20.04 -8.26 10.68
N ILE B 72 -20.06 -9.53 10.24
CA ILE B 72 -20.09 -10.61 11.22
C ILE B 72 -18.74 -11.29 11.37
N THR B 73 -18.17 -11.13 12.56
CA THR B 73 -16.81 -11.54 12.84
C THR B 73 -16.80 -12.44 14.08
N THR B 74 -17.79 -13.32 14.15
CA THR B 74 -17.91 -14.23 15.28
C THR B 74 -17.33 -15.55 14.86
N PRO B 75 -17.31 -16.53 15.78
CA PRO B 75 -16.80 -17.85 15.38
C PRO B 75 -17.59 -18.50 14.26
N ASN B 76 -16.92 -19.34 13.46
CA ASN B 76 -17.50 -19.87 12.21
C ASN B 76 -18.91 -20.48 12.37
N GLY B 77 -19.12 -21.31 13.40
CA GLY B 77 -20.44 -21.97 13.66
C GLY B 77 -21.69 -21.08 13.82
N LEU B 78 -21.42 -19.84 14.20
CA LEU B 78 -22.44 -18.84 14.38
C LEU B 78 -22.79 -18.12 13.08
N HIS B 79 -21.95 -18.20 12.06
CA HIS B 79 -22.09 -17.28 10.92
C HIS B 79 -23.44 -17.48 10.30
N HIS B 80 -23.76 -18.74 10.03
CA HIS B 80 -25.00 -19.08 9.38
C HIS B 80 -26.25 -18.46 10.05
N ARG B 81 -26.40 -18.78 11.32
CA ARG B 81 -27.54 -18.36 12.10
C ARG B 81 -27.61 -16.84 12.20
N GLN B 82 -26.47 -16.24 12.45
CA GLN B 82 -26.41 -14.79 12.64
C GLN B 82 -26.70 -14.03 11.37
N ALA B 83 -26.15 -14.50 10.25
CA ALA B 83 -26.39 -13.85 8.98
C ALA B 83 -27.82 -13.97 8.56
N ALA B 84 -28.45 -15.10 8.83
CA ALA B 84 -29.85 -15.32 8.43
C ALA B 84 -30.78 -14.38 9.22
N GLU B 85 -30.60 -14.36 10.55
CA GLU B 85 -31.37 -13.46 11.42
C GLU B 85 -31.14 -12.02 10.92
N ALA B 86 -29.89 -11.70 10.60
CA ALA B 86 -29.59 -10.38 10.11
C ALA B 86 -30.30 -9.98 8.80
N LEU B 87 -30.27 -10.87 7.81
CA LEU B 87 -30.94 -10.61 6.55
C LEU B 87 -32.44 -10.54 6.75
N ARG B 88 -32.97 -11.39 7.64
CA ARG B 88 -34.40 -11.33 7.90
C ARG B 88 -34.79 -10.01 8.54
N ALA B 89 -33.95 -9.51 9.45
CA ALA B 89 -34.17 -8.22 10.11
C ALA B 89 -34.03 -7.03 9.12
N GLY B 90 -33.64 -7.31 7.88
CA GLY B 90 -33.61 -6.30 6.86
C GLY B 90 -32.24 -5.66 6.61
N LYS B 91 -31.21 -6.17 7.25
CA LYS B 91 -29.89 -5.62 7.15
C LYS B 91 -29.08 -6.26 6.03
N HIS B 92 -28.24 -5.47 5.34
CA HIS B 92 -27.22 -6.01 4.44
C HIS B 92 -26.10 -6.60 5.32
N VAL B 93 -25.36 -7.56 4.79
CA VAL B 93 -24.45 -8.35 5.63
C VAL B 93 -23.15 -8.75 4.92
N LEU B 94 -22.06 -8.58 5.64
CA LEU B 94 -20.78 -9.07 5.22
C LEU B 94 -20.32 -10.02 6.26
N VAL B 95 -20.07 -11.25 5.86
CA VAL B 95 -19.71 -12.30 6.78
C VAL B 95 -18.28 -12.70 6.60
N GLU B 96 -17.50 -12.74 7.67
CA GLU B 96 -16.17 -13.32 7.57
C GLU B 96 -16.16 -14.78 7.10
N LYS B 97 -15.05 -15.20 6.49
CA LYS B 97 -14.99 -16.55 6.04
C LYS B 97 -14.88 -17.47 7.24
N PRO B 98 -15.46 -18.65 7.13
CA PRO B 98 -16.11 -19.13 5.95
C PRO B 98 -17.57 -18.77 6.03
N LEU B 99 -18.11 -18.27 4.94
CA LEU B 99 -19.47 -17.77 4.92
C LEU B 99 -20.43 -18.72 5.61
N GLY B 100 -20.31 -20.00 5.32
CA GLY B 100 -21.11 -21.05 5.94
C GLY B 100 -20.14 -22.13 6.27
N VAL B 101 -20.59 -23.19 6.92
CA VAL B 101 -19.74 -24.33 7.31
C VAL B 101 -19.94 -25.48 6.33
N THR B 102 -20.97 -25.38 5.49
CA THR B 102 -21.23 -26.38 4.46
C THR B 102 -21.86 -25.71 3.23
N PRO B 103 -21.81 -26.37 2.07
CA PRO B 103 -22.39 -25.76 0.88
C PRO B 103 -23.86 -25.41 0.99
N GLU B 104 -24.60 -26.24 1.72
CA GLU B 104 -26.06 -26.04 1.86
C GLU B 104 -26.32 -24.84 2.72
N GLN B 105 -25.56 -24.68 3.80
CA GLN B 105 -25.63 -23.45 4.59
C GLN B 105 -25.38 -22.19 3.72
N VAL B 106 -24.31 -22.21 2.96
CA VAL B 106 -24.00 -21.10 2.08
C VAL B 106 -25.13 -20.87 1.08
N ALA B 107 -25.69 -21.93 0.51
CA ALA B 107 -26.70 -21.74 -0.51
C ALA B 107 -27.93 -21.13 0.12
N GLU B 108 -28.23 -21.56 1.34
CA GLU B 108 -29.40 -21.07 2.01
C GLU B 108 -29.26 -19.55 2.20
N LEU B 109 -28.10 -19.07 2.65
CA LEU B 109 -27.93 -17.65 2.88
C LEU B 109 -28.10 -16.84 1.61
N VAL B 110 -27.52 -17.33 0.50
CA VAL B 110 -27.58 -16.60 -0.76
C VAL B 110 -28.99 -16.42 -1.16
N GLU B 111 -29.76 -17.48 -1.10
CA GLU B 111 -31.13 -17.42 -1.52
C GLU B 111 -31.98 -16.55 -0.60
N LEU B 112 -31.67 -16.61 0.69
CA LEU B 112 -32.35 -15.79 1.71
C LEU B 112 -32.09 -14.29 1.52
N ALA B 113 -30.85 -13.94 1.20
CA ALA B 113 -30.48 -12.56 0.87
C ALA B 113 -31.32 -12.04 -0.27
N GLY B 114 -31.55 -12.90 -1.26
CA GLY B 114 -32.34 -12.56 -2.41
C GLY B 114 -33.77 -12.31 -2.02
N ARG B 115 -34.32 -13.14 -1.15
CA ARG B 115 -35.70 -12.98 -0.73
C ARG B 115 -35.87 -11.58 -0.13
N HIS B 116 -34.90 -11.17 0.65
CA HIS B 116 -35.00 -9.87 1.32
C HIS B 116 -34.33 -8.72 0.57
N ASP B 117 -33.86 -8.98 -0.64
CA ASP B 117 -33.30 -7.94 -1.51
C ASP B 117 -32.12 -7.26 -0.86
N ARG B 118 -31.25 -8.05 -0.23
CA ARG B 118 -30.08 -7.55 0.47
C ARG B 118 -28.76 -7.97 -0.19
N VAL B 119 -27.75 -7.19 0.07
CA VAL B 119 -26.44 -7.49 -0.35
C VAL B 119 -25.87 -8.40 0.70
N LEU B 120 -25.37 -9.52 0.23
CA LEU B 120 -24.65 -10.45 1.06
C LEU B 120 -23.29 -10.55 0.47
N ALA B 121 -22.29 -10.36 1.30
CA ALA B 121 -20.93 -10.55 0.85
C ALA B 121 -20.19 -11.41 1.81
N HIS B 122 -19.07 -11.95 1.36
CA HIS B 122 -18.24 -12.73 2.23
C HIS B 122 -16.81 -12.29 2.26
N GLY B 123 -16.09 -12.66 3.31
CA GLY B 123 -14.75 -12.12 3.54
C GLY B 123 -13.60 -12.72 2.77
N SER B 124 -13.69 -12.76 1.45
CA SER B 124 -12.57 -13.24 0.64
C SER B 124 -11.67 -12.06 0.33
N ASN B 125 -10.98 -11.58 1.36
CA ASN B 125 -10.28 -10.31 1.23
C ASN B 125 -9.14 -10.34 0.22
N PHE B 126 -8.48 -11.49 0.07
CA PHE B 126 -7.25 -11.58 -0.79
C PHE B 126 -7.48 -11.41 -2.28
N VAL B 127 -8.70 -11.68 -2.65
CA VAL B 127 -9.17 -11.49 -3.99
C VAL B 127 -9.33 -10.03 -4.30
N HIS B 128 -9.24 -9.18 -3.27
CA HIS B 128 -9.27 -7.71 -3.45
C HIS B 128 -7.90 -7.09 -3.12
N SER B 129 -6.92 -7.91 -2.77
CA SER B 129 -5.58 -7.43 -2.47
C SER B 129 -4.98 -6.81 -3.69
N PRO B 130 -4.54 -5.55 -3.59
CA PRO B 130 -4.00 -4.92 -4.79
C PRO B 130 -2.87 -5.66 -5.48
N LYS B 131 -2.00 -6.33 -4.74
CA LYS B 131 -0.90 -7.04 -5.40
C LYS B 131 -1.42 -8.33 -6.04
N PHE B 132 -2.46 -8.94 -5.46
CA PHE B 132 -3.09 -10.06 -6.17
C PHE B 132 -3.84 -9.61 -7.41
N VAL B 133 -4.54 -8.49 -7.35
CA VAL B 133 -5.28 -7.96 -8.52
C VAL B 133 -4.27 -7.77 -9.70
N ARG B 134 -3.11 -7.21 -9.40
CA ARG B 134 -2.06 -7.03 -10.32
C ARG B 134 -1.49 -8.38 -10.83
N ALA B 135 -1.27 -9.34 -9.93
CA ALA B 135 -0.83 -10.66 -10.38
C ALA B 135 -1.82 -11.20 -11.38
N ARG B 136 -3.12 -11.06 -11.09
CA ARG B 136 -4.14 -11.60 -12.01
C ARG B 136 -4.05 -10.94 -13.38
N GLN B 137 -3.85 -9.62 -13.42
CA GLN B 137 -3.69 -8.96 -14.73
C GLN B 137 -2.50 -9.47 -15.51
N LEU B 138 -1.43 -9.83 -14.85
CA LEU B 138 -0.30 -10.30 -15.57
C LEU B 138 -0.60 -11.70 -16.11
N VAL B 139 -1.30 -12.56 -15.36
CA VAL B 139 -1.61 -13.87 -15.91
C VAL B 139 -2.57 -13.75 -17.04
N ALA B 140 -3.41 -12.73 -17.03
CA ALA B 140 -4.39 -12.48 -18.09
C ALA B 140 -3.83 -11.87 -19.34
N ASP B 141 -2.58 -11.45 -19.30
CA ASP B 141 -1.88 -10.88 -20.44
C ASP B 141 -1.39 -12.04 -21.36
N THR B 142 -2.26 -12.48 -22.23
CA THR B 142 -1.99 -13.70 -22.98
C THR B 142 -0.75 -13.66 -23.84
N GLU B 143 -0.46 -12.58 -24.49
CA GLU B 143 0.77 -12.56 -25.28
C GLU B 143 2.00 -12.87 -24.46
N ALA B 144 2.04 -12.39 -23.22
CA ALA B 144 3.26 -12.57 -22.45
C ALA B 144 3.23 -13.87 -21.64
N PHE B 145 2.09 -14.19 -21.05
CA PHE B 145 1.96 -15.34 -20.13
C PHE B 145 1.65 -16.64 -20.85
N GLY B 146 0.97 -16.52 -21.96
CA GLY B 146 0.40 -17.70 -22.68
C GLY B 146 -0.71 -18.23 -21.80
N ARG B 147 -0.94 -19.50 -21.94
CA ARG B 147 -2.11 -20.15 -21.36
C ARG B 147 -1.73 -20.72 -20.02
N PRO B 148 -2.54 -20.46 -19.00
CA PRO B 148 -2.12 -20.87 -17.64
C PRO B 148 -2.36 -22.34 -17.54
N HIS B 149 -1.42 -23.02 -16.93
CA HIS B 149 -1.53 -24.43 -16.71
C HIS B 149 -1.30 -24.84 -15.28
N LEU B 150 -0.68 -24.00 -14.45
CA LEU B 150 -0.52 -24.31 -13.02
C LEU B 150 -0.78 -23.08 -12.17
N VAL B 151 -1.50 -23.29 -11.08
CA VAL B 151 -1.60 -22.26 -10.07
C VAL B 151 -1.50 -22.96 -8.71
N ARG B 152 -0.73 -22.36 -7.79
CA ARG B 152 -0.53 -22.88 -6.47
C ARG B 152 -0.61 -21.72 -5.46
N VAL B 153 -1.42 -21.89 -4.45
CA VAL B 153 -1.53 -20.91 -3.41
C VAL B 153 -1.14 -21.56 -2.09
N VAL B 154 -0.26 -20.93 -1.33
CA VAL B 154 0.23 -21.53 -0.12
C VAL B 154 -0.17 -20.63 1.02
N PHE B 155 -0.67 -21.21 2.10
CA PHE B 155 -1.21 -20.46 3.24
C PHE B 155 -0.90 -21.25 4.47
N ARG B 156 0.03 -20.76 5.26
CA ARG B 156 0.54 -21.50 6.37
C ARG B 156 0.78 -20.59 7.57
N ASN B 157 0.43 -21.06 8.75
CA ASN B 157 0.72 -20.32 9.97
C ASN B 157 0.81 -21.31 11.09
N SER B 158 1.02 -20.83 12.31
CA SER B 158 1.15 -21.70 13.46
C SER B 158 -0.18 -21.90 14.10
N GLY B 159 -1.26 -21.43 13.47
CA GLY B 159 -2.59 -21.91 13.79
C GLY B 159 -3.34 -20.96 14.71
N PRO B 160 -4.68 -20.96 14.63
CA PRO B 160 -5.46 -19.94 15.33
C PRO B 160 -5.46 -20.24 16.81
N GLU B 161 -5.34 -19.19 17.61
CA GLU B 161 -5.07 -19.31 19.03
C GLU B 161 -6.38 -19.46 19.78
N ALA B 162 -7.44 -18.89 19.26
CA ALA B 162 -8.73 -18.92 19.89
C ALA B 162 -9.22 -20.37 20.13
N ALA B 163 -9.76 -20.60 21.33
CA ALA B 163 -10.22 -21.92 21.73
C ALA B 163 -11.29 -22.47 20.81
N TRP B 164 -12.14 -21.58 20.31
CA TRP B 164 -13.28 -22.01 19.56
C TRP B 164 -12.81 -22.62 18.24
N ALA B 165 -11.62 -22.25 17.77
CA ALA B 165 -11.14 -22.74 16.47
C ALA B 165 -10.60 -24.15 16.58
N ALA B 166 -10.43 -24.65 17.80
CA ALA B 166 -10.03 -26.05 17.98
C ALA B 166 -11.22 -27.02 18.07
N SER B 167 -12.45 -26.54 18.28
CA SER B 167 -13.61 -27.45 18.41
C SER B 167 -14.43 -27.48 17.15
N LYS B 168 -14.85 -28.68 16.76
CA LYS B 168 -15.53 -28.83 15.49
C LYS B 168 -16.84 -28.08 15.44
N ASP B 169 -17.55 -28.05 16.56
CA ASP B 169 -18.87 -27.50 16.52
C ASP B 169 -18.83 -26.01 16.26
N LEU B 170 -17.89 -25.33 16.92
CA LEU B 170 -17.72 -23.90 16.74
C LEU B 170 -16.91 -23.51 15.52
N ALA B 171 -16.03 -24.38 15.05
CA ALA B 171 -15.18 -24.03 13.89
C ALA B 171 -15.70 -24.60 12.59
N GLY B 172 -16.48 -25.67 12.67
CA GLY B 172 -17.03 -26.28 11.47
C GLY B 172 -16.05 -27.11 10.65
N GLY B 173 -14.78 -27.10 11.06
CA GLY B 173 -13.70 -27.71 10.29
C GLY B 173 -12.32 -27.27 10.74
N GLY B 174 -11.30 -27.96 10.26
CA GLY B 174 -9.89 -27.66 10.57
C GLY B 174 -9.27 -26.76 9.54
N ALA B 175 -7.96 -26.92 9.33
CA ALA B 175 -7.22 -26.09 8.38
C ALA B 175 -7.75 -26.08 6.96
N LEU B 176 -8.28 -27.18 6.46
CA LEU B 176 -8.76 -27.13 5.11
C LEU B 176 -9.88 -26.12 4.92
N LEU B 177 -10.79 -26.04 5.88
CA LEU B 177 -11.87 -25.05 5.85
C LEU B 177 -11.42 -23.64 6.21
N ASP B 178 -10.54 -23.55 7.17
CA ASP B 178 -10.10 -22.27 7.62
C ASP B 178 -9.27 -21.56 6.51
N LEU B 179 -8.25 -22.23 6.01
CA LEU B 179 -7.28 -21.63 5.11
C LEU B 179 -7.55 -22.02 3.67
N GLY B 180 -7.99 -23.24 3.46
CA GLY B 180 -8.33 -23.73 2.11
C GLY B 180 -9.39 -22.91 1.42
N CYS B 181 -10.32 -22.35 2.19
CA CYS B 181 -11.34 -21.52 1.59
C CYS B 181 -10.61 -20.38 0.86
N HIS B 182 -9.67 -19.74 1.53
CA HIS B 182 -8.97 -18.67 0.89
C HIS B 182 -8.20 -19.17 -0.31
N ALA B 183 -7.53 -20.29 -0.16
CA ALA B 183 -6.62 -20.73 -1.19
C ALA B 183 -7.39 -21.17 -2.44
N VAL B 184 -8.44 -21.94 -2.25
CA VAL B 184 -9.31 -22.32 -3.39
C VAL B 184 -9.85 -21.11 -4.15
N GLU B 185 -10.34 -20.17 -3.40
CA GLU B 185 -11.01 -19.05 -3.96
C GLU B 185 -9.98 -18.23 -4.78
N LEU B 186 -8.75 -18.14 -4.27
CA LEU B 186 -7.65 -17.48 -5.01
C LEU B 186 -7.23 -18.23 -6.29
N CYS B 187 -7.11 -19.56 -6.23
CA CYS B 187 -6.81 -20.33 -7.45
C CYS B 187 -7.88 -20.07 -8.45
N ARG B 188 -9.16 -20.15 -8.07
CA ARG B 188 -10.24 -20.00 -9.06
C ARG B 188 -10.26 -18.64 -9.69
N TRP B 189 -9.95 -17.65 -8.89
CA TRP B 189 -10.10 -16.26 -9.31
C TRP B 189 -8.88 -15.81 -10.11
N LEU B 190 -7.73 -16.30 -9.74
CA LEU B 190 -6.53 -15.98 -10.47
C LEU B 190 -6.64 -16.52 -11.91
N LEU B 191 -7.49 -17.49 -12.13
CA LEU B 191 -7.71 -18.05 -13.46
C LEU B 191 -9.03 -17.61 -13.98
N ASP B 192 -9.51 -16.43 -13.55
CA ASP B 192 -10.76 -15.85 -14.12
C ASP B 192 -11.98 -16.73 -13.93
N GLY B 193 -12.16 -17.27 -12.72
CA GLY B 193 -13.39 -18.06 -12.41
C GLY B 193 -13.45 -19.42 -13.14
N ALA B 194 -12.28 -20.02 -13.25
CA ALA B 194 -12.12 -21.33 -13.81
C ALA B 194 -13.07 -22.40 -13.18
N ASP B 195 -13.64 -23.21 -14.04
CA ASP B 195 -14.50 -24.32 -13.64
C ASP B 195 -13.66 -25.50 -13.16
N VAL B 196 -14.04 -25.96 -11.96
CA VAL B 196 -13.42 -27.12 -11.34
C VAL B 196 -14.07 -28.39 -11.86
N GLU B 197 -13.25 -29.33 -12.36
CA GLU B 197 -13.75 -30.60 -12.92
C GLU B 197 -13.57 -31.75 -11.93
N SER B 198 -12.42 -31.78 -11.27
CA SER B 198 -12.17 -32.75 -10.19
C SER B 198 -11.49 -32.11 -8.96
N VAL B 199 -11.58 -32.82 -7.84
CA VAL B 199 -10.94 -32.44 -6.60
C VAL B 199 -10.35 -33.63 -5.89
N SER B 200 -9.14 -33.44 -5.39
CA SER B 200 -8.40 -34.48 -4.74
C SER B 200 -7.72 -33.89 -3.53
N ALA B 201 -7.80 -34.58 -2.40
CA ALA B 201 -7.20 -34.03 -1.19
C ALA B 201 -6.79 -35.11 -0.20
N ARG B 202 -5.72 -34.81 0.54
CA ARG B 202 -5.22 -35.57 1.68
C ARG B 202 -4.99 -34.61 2.84
N LEU B 203 -5.40 -35.03 4.02
CA LEU B 203 -5.31 -34.26 5.25
C LEU B 203 -4.37 -34.93 6.26
N GLN B 204 -3.75 -34.10 7.11
CA GLN B 204 -2.91 -34.56 8.21
C GLN B 204 -3.38 -34.07 9.57
N ARG B 205 -3.09 -34.86 10.60
CA ARG B 205 -3.14 -34.39 11.99
C ARG B 205 -1.72 -34.44 12.52
N VAL B 206 -1.08 -33.30 12.51
CA VAL B 206 0.30 -33.23 12.95
C VAL B 206 0.37 -33.05 14.46
N ARG B 207 -0.34 -32.08 15.04
CA ARG B 207 -0.28 -31.86 16.50
C ARG B 207 -1.19 -32.80 17.32
N PRO B 208 -0.74 -33.18 18.52
CA PRO B 208 -1.39 -34.36 19.09
C PRO B 208 -2.92 -34.29 19.41
N PRO B 209 -3.55 -35.48 19.65
CA PRO B 209 -4.91 -35.66 20.24
C PRO B 209 -5.30 -34.60 21.27
N ALA B 227 -10.24 -35.46 16.00
CA ALA B 227 -9.38 -34.24 15.93
C ALA B 227 -9.35 -33.57 14.56
N LEU B 228 -9.44 -32.24 14.57
CA LEU B 228 -9.43 -31.44 13.32
C LEU B 228 -8.11 -31.51 12.61
N GLU B 229 -8.14 -31.61 11.30
CA GLU B 229 -6.91 -31.56 10.50
C GLU B 229 -6.18 -30.22 10.72
N ASP B 230 -4.86 -30.33 10.86
CA ASP B 230 -3.86 -29.27 10.93
C ASP B 230 -3.21 -28.80 9.65
N GLN B 231 -3.28 -29.68 8.66
CA GLN B 231 -2.53 -29.51 7.48
C GLN B 231 -3.22 -30.26 6.34
N ALA B 232 -3.14 -29.69 5.15
CA ALA B 232 -3.81 -30.27 4.04
C ALA B 232 -3.17 -29.87 2.74
N LEU B 233 -3.35 -30.77 1.75
CA LEU B 233 -3.12 -30.48 0.36
C LEU B 233 -4.39 -30.76 -0.40
N LEU B 234 -4.87 -29.79 -1.14
CA LEU B 234 -6.01 -30.00 -1.99
C LEU B 234 -5.62 -29.62 -3.44
N VAL B 235 -6.02 -30.44 -4.41
CA VAL B 235 -5.66 -30.22 -5.79
C VAL B 235 -6.90 -30.21 -6.65
N MET B 236 -7.00 -29.21 -7.51
CA MET B 236 -8.13 -29.11 -8.41
C MET B 236 -7.67 -29.27 -9.85
N GLU B 237 -8.48 -29.95 -10.63
CA GLU B 237 -8.29 -29.94 -12.07
C GLU B 237 -9.35 -29.05 -12.71
N PHE B 238 -8.91 -28.14 -13.56
CA PHE B 238 -9.82 -27.18 -14.17
C PHE B 238 -10.12 -27.55 -15.60
N ALA B 239 -11.17 -26.97 -16.14
CA ALA B 239 -11.73 -27.30 -17.45
C ALA B 239 -10.73 -27.10 -18.58
N ASP B 240 -10.06 -25.97 -18.56
CA ASP B 240 -9.03 -25.63 -19.56
C ASP B 240 -7.80 -26.52 -19.54
N GLY B 241 -7.73 -27.58 -18.73
CA GLY B 241 -6.47 -28.31 -18.53
C GLY B 241 -5.57 -27.88 -17.34
N ALA B 242 -5.79 -26.73 -16.71
CA ALA B 242 -4.85 -26.32 -15.68
C ALA B 242 -5.08 -27.07 -14.37
N VAL B 243 -4.02 -27.19 -13.55
CA VAL B 243 -4.07 -27.75 -12.21
C VAL B 243 -3.78 -26.75 -11.09
N GLY B 244 -4.62 -26.76 -10.07
CA GLY B 244 -4.47 -25.85 -8.91
C GLY B 244 -4.15 -26.61 -7.66
N GLN B 245 -3.07 -26.24 -7.00
CA GLN B 245 -2.72 -26.72 -5.67
C GLN B 245 -2.98 -25.69 -4.55
N CYS B 246 -3.64 -26.13 -3.48
CA CYS B 246 -3.83 -25.33 -2.28
C CYS B 246 -3.14 -26.08 -1.18
N ASP B 247 -2.14 -25.45 -0.54
CA ASP B 247 -1.27 -26.12 0.46
C ASP B 247 -1.38 -25.32 1.69
N VAL B 248 -1.88 -25.91 2.76
CA VAL B 248 -2.49 -25.13 3.80
C VAL B 248 -2.07 -25.74 5.11
N SER B 249 -1.75 -24.91 6.10
CA SER B 249 -1.14 -25.44 7.33
C SER B 249 -1.38 -24.57 8.53
N TRP B 250 -1.65 -25.23 9.66
CA TRP B 250 -1.77 -24.59 10.97
C TRP B 250 -0.57 -24.92 11.80
N VAL B 251 0.46 -25.49 11.18
CA VAL B 251 1.54 -26.07 11.97
C VAL B 251 2.94 -25.66 11.44
N THR B 252 2.97 -24.51 10.76
CA THR B 252 4.18 -23.95 10.28
C THR B 252 4.66 -22.84 11.21
N GLN B 253 5.80 -23.06 11.89
CA GLN B 253 6.35 -21.97 12.69
C GLN B 253 7.08 -20.98 11.78
N GLY B 254 7.40 -19.79 12.27
CA GLY B 254 8.36 -18.94 11.65
C GLY B 254 7.75 -17.72 11.00
N GLY B 255 6.43 -17.58 11.10
CA GLY B 255 5.71 -16.44 10.55
C GLY B 255 4.77 -16.89 9.50
N GLU B 256 3.57 -16.30 9.48
CA GLU B 256 2.58 -16.60 8.46
C GLU B 256 3.18 -16.51 7.03
N GLN B 257 2.76 -17.42 6.17
CA GLN B 257 3.11 -17.35 4.80
C GLN B 257 1.86 -17.32 3.96
N VAL B 258 1.72 -16.28 3.12
CA VAL B 258 0.72 -16.22 2.02
C VAL B 258 1.31 -15.95 0.66
N THR B 259 1.09 -16.84 -0.29
CA THR B 259 2.01 -16.94 -1.43
C THR B 259 1.28 -17.60 -2.52
N ALA B 260 1.49 -17.17 -3.76
CA ALA B 260 0.92 -17.81 -4.92
C ALA B 260 1.95 -17.84 -6.06
N GLU B 261 1.79 -18.79 -6.98
CA GLU B 261 2.50 -18.73 -8.22
C GLU B 261 1.60 -19.25 -9.31
N ILE B 262 1.75 -18.71 -10.50
CA ILE B 262 0.96 -19.16 -11.65
C ILE B 262 1.96 -19.36 -12.76
N ILE B 263 1.81 -20.45 -13.52
CA ILE B 263 2.76 -20.77 -14.56
C ILE B 263 2.00 -21.05 -15.81
N GLY B 264 2.38 -20.36 -16.89
CA GLY B 264 1.71 -20.53 -18.19
C GLY B 264 2.63 -21.18 -19.24
N THR B 265 2.13 -21.26 -20.46
CA THR B 265 2.95 -21.80 -21.53
C THR B 265 4.12 -20.87 -21.84
N LYS B 266 3.97 -19.58 -21.54
CA LYS B 266 5.11 -18.62 -21.77
C LYS B 266 5.67 -17.96 -20.52
N GLY B 267 4.81 -17.69 -19.56
CA GLY B 267 5.24 -16.96 -18.41
C GLY B 267 5.21 -17.67 -17.10
N ARG B 268 5.52 -16.85 -16.12
CA ARG B 268 5.47 -17.16 -14.69
C ARG B 268 5.10 -15.89 -13.92
N VAL B 269 4.29 -16.01 -12.86
CA VAL B 269 4.10 -14.94 -11.94
C VAL B 269 4.02 -15.44 -10.47
N GLU B 270 4.69 -14.70 -9.58
CA GLU B 270 4.85 -15.09 -8.19
C GLU B 270 4.42 -13.88 -7.31
N VAL B 271 3.71 -14.20 -6.24
CA VAL B 271 3.17 -13.23 -5.34
C VAL B 271 3.53 -13.62 -3.93
N ASP B 272 4.01 -12.67 -3.15
CA ASP B 272 4.45 -12.94 -1.84
C ASP B 272 3.94 -11.81 -0.96
N LEU B 273 3.05 -12.15 -0.04
CA LEU B 273 2.43 -11.14 0.74
C LEU B 273 3.26 -10.76 1.95
N TRP B 274 3.70 -11.70 2.76
CA TRP B 274 4.30 -11.33 4.06
C TRP B 274 5.80 -11.19 4.05
N THR B 275 6.51 -11.78 3.09
CA THR B 275 7.96 -11.53 3.00
C THR B 275 8.24 -10.84 1.71
N GLY B 276 7.22 -10.14 1.22
CA GLY B 276 7.42 -9.26 0.04
C GLY B 276 7.00 -7.81 0.31
N MET B 277 7.27 -7.33 1.52
CA MET B 277 7.00 -5.94 1.91
C MET B 277 8.16 -4.98 1.62
N GLY B 278 9.33 -5.47 1.27
CA GLY B 278 10.55 -4.66 1.18
C GLY B 278 10.97 -4.02 2.50
N LEU B 279 10.83 -4.73 3.61
CA LEU B 279 11.39 -4.30 4.91
C LEU B 279 11.98 -5.50 5.60
N ARG B 280 13.20 -5.37 6.09
CA ARG B 280 13.79 -6.38 6.96
C ARG B 280 14.44 -5.69 8.13
N ALA B 281 14.45 -6.39 9.25
CA ALA B 281 15.07 -5.84 10.46
C ALA B 281 15.68 -6.94 11.26
N TYR B 282 16.75 -6.59 11.95
CA TYR B 282 17.38 -7.51 12.85
C TYR B 282 17.50 -6.87 14.21
N SER B 283 17.19 -7.65 15.24
CA SER B 283 17.59 -7.35 16.63
C SER B 283 17.80 -8.63 17.42
N ASP B 284 18.57 -8.55 18.51
CA ASP B 284 18.67 -9.64 19.49
C ASP B 284 17.38 -9.74 20.28
N LYS B 285 16.92 -8.64 20.84
CA LYS B 285 15.63 -8.60 21.53
C LYS B 285 14.40 -8.85 20.65
N GLY B 286 13.97 -7.85 19.88
CA GLY B 286 12.63 -7.88 19.27
C GLY B 286 12.05 -6.48 19.29
N TYR B 287 11.42 -6.10 18.21
CA TYR B 287 10.99 -4.73 17.95
C TYR B 287 9.58 -4.57 18.49
N GLN B 288 9.32 -3.42 19.06
CA GLN B 288 8.07 -3.19 19.74
C GLN B 288 6.79 -3.58 18.99
N ASP B 289 6.63 -3.19 17.73
CA ASP B 289 5.32 -3.44 17.15
C ASP B 289 5.41 -4.46 16.00
N VAL B 290 6.22 -5.50 16.24
CA VAL B 290 6.46 -6.52 15.24
C VAL B 290 6.12 -7.84 15.89
N TRP B 291 5.31 -8.61 15.18
CA TRP B 291 4.68 -9.82 15.68
C TRP B 291 5.66 -10.95 16.00
N ASP B 292 5.54 -12.07 15.24
CA ASP B 292 6.33 -13.27 15.42
C ASP B 292 6.97 -13.64 14.05
N PRO B 293 8.20 -14.13 14.08
CA PRO B 293 9.05 -14.21 15.28
C PRO B 293 9.36 -12.81 15.83
N GLU B 294 9.84 -12.70 17.07
CA GLU B 294 10.14 -11.37 17.62
C GLU B 294 11.59 -11.05 17.31
N GLN B 295 12.41 -11.99 17.75
CA GLN B 295 13.86 -11.82 17.78
C GLN B 295 14.52 -12.24 16.50
N GLY B 296 15.70 -11.68 16.25
CA GLY B 296 16.54 -12.12 15.16
C GLY B 296 16.07 -11.47 13.87
N TRP B 297 16.21 -12.14 12.74
CA TRP B 297 15.81 -11.45 11.48
C TRP B 297 14.32 -11.50 11.29
N VAL B 298 13.68 -10.35 11.14
CA VAL B 298 12.25 -10.37 10.90
C VAL B 298 11.90 -9.60 9.62
N HIS B 299 10.62 -9.65 9.28
CA HIS B 299 10.10 -8.99 8.06
C HIS B 299 8.95 -8.13 8.50
N PRO B 300 9.26 -6.95 9.02
CA PRO B 300 8.17 -6.13 9.41
C PRO B 300 7.22 -5.75 8.27
N GLU B 301 5.96 -5.86 8.62
CA GLU B 301 4.76 -5.35 7.99
C GLU B 301 4.64 -3.81 7.85
N TRP B 302 4.17 -3.32 6.71
CA TRP B 302 3.62 -1.94 6.57
C TRP B 302 2.31 -2.07 5.84
N GLU B 303 1.31 -1.33 6.28
CA GLU B 303 -0.05 -1.34 5.76
C GLU B 303 -0.66 -2.73 5.50
N TRP B 304 -0.52 -3.62 6.46
CA TRP B 304 -0.89 -5.01 6.25
C TRP B 304 -2.33 -5.19 5.90
N ILE B 305 -3.15 -4.36 6.46
CA ILE B 305 -4.55 -4.49 6.30
C ILE B 305 -4.92 -4.16 4.87
N ARG B 306 -4.37 -3.09 4.35
CA ARG B 306 -4.62 -2.72 2.95
C ARG B 306 -4.13 -3.77 1.97
N ALA B 307 -2.85 -4.11 2.16
CA ALA B 307 -2.13 -5.13 1.36
C ALA B 307 -2.91 -6.40 1.32
N SER B 308 -3.61 -6.73 2.40
CA SER B 308 -4.39 -7.98 2.44
C SER B 308 -5.78 -7.90 1.77
N GLY B 309 -6.19 -6.71 1.35
CA GLY B 309 -7.44 -6.55 0.61
C GLY B 309 -8.65 -6.12 1.40
N TYR B 310 -8.49 -5.94 2.71
CA TYR B 310 -9.61 -5.59 3.54
C TYR B 310 -10.23 -4.25 3.17
N TYR B 311 -9.41 -3.24 2.90
CA TYR B 311 -9.94 -1.90 2.60
C TYR B 311 -10.67 -1.97 1.28
N HIS B 312 -10.13 -2.67 0.30
CA HIS B 312 -10.85 -2.69 -0.99
C HIS B 312 -12.12 -3.52 -0.95
N GLN B 313 -12.06 -4.65 -0.22
CA GLN B 313 -13.22 -5.53 -0.06
C GLN B 313 -14.37 -4.73 0.60
N ASP B 314 -14.13 -4.26 1.82
CA ASP B 314 -15.17 -3.51 2.56
C ASP B 314 -15.62 -2.30 1.72
N GLY B 315 -14.67 -1.67 1.04
CA GLY B 315 -15.04 -0.57 0.14
C GLY B 315 -16.05 -1.03 -0.89
N THR B 316 -15.77 -2.15 -1.53
CA THR B 316 -16.69 -2.72 -2.51
C THR B 316 -18.11 -2.91 -1.96
N VAL B 317 -18.15 -3.43 -0.73
CA VAL B 317 -19.41 -3.76 -0.08
C VAL B 317 -20.11 -2.46 0.29
N ILE B 318 -19.38 -1.51 0.91
CA ILE B 318 -19.96 -0.21 1.23
C ILE B 318 -20.57 0.39 -0.03
N GLU B 319 -19.88 0.26 -1.13
CA GLU B 319 -20.35 0.84 -2.39
C GLU B 319 -21.58 0.11 -2.87
N ALA B 320 -21.60 -1.21 -2.76
CA ALA B 320 -22.78 -1.96 -3.21
C ALA B 320 -24.03 -1.54 -2.50
N VAL B 321 -23.91 -1.36 -1.20
CA VAL B 321 -25.04 -1.01 -0.37
C VAL B 321 -25.38 0.44 -0.62
N GLY B 322 -24.35 1.30 -0.55
CA GLY B 322 -24.52 2.74 -0.62
C GLY B 322 -25.15 3.17 -1.92
N GLN B 323 -24.51 2.85 -3.03
CA GLN B 323 -24.99 3.36 -4.32
C GLN B 323 -25.28 2.23 -5.28
N GLY B 324 -25.85 1.14 -4.76
CA GLY B 324 -26.42 0.01 -5.54
C GLY B 324 -25.60 -0.58 -6.69
N ILE B 325 -24.28 -0.54 -6.53
CA ILE B 325 -23.35 -1.12 -7.46
C ILE B 325 -23.15 -2.60 -7.16
N PRO B 326 -23.31 -3.47 -8.17
CA PRO B 326 -23.30 -4.89 -7.83
C PRO B 326 -21.88 -5.29 -7.43
N LEU B 327 -21.72 -6.37 -6.65
CA LEU B 327 -20.42 -6.76 -6.12
C LEU B 327 -19.59 -7.39 -7.18
N THR B 328 -18.33 -7.04 -7.28
CA THR B 328 -17.43 -7.70 -8.28
C THR B 328 -17.28 -9.20 -8.04
N HIS B 329 -17.05 -9.57 -6.78
CA HIS B 329 -16.81 -10.95 -6.33
C HIS B 329 -17.94 -11.34 -5.34
N GLY B 330 -18.98 -12.00 -5.83
CA GLY B 330 -20.19 -12.24 -5.06
C GLY B 330 -20.17 -13.56 -4.27
N PRO B 331 -21.24 -13.80 -3.49
CA PRO B 331 -21.25 -14.94 -2.62
C PRO B 331 -21.42 -16.28 -3.40
N ALA B 332 -21.84 -16.25 -4.66
CA ALA B 332 -21.82 -17.50 -5.44
C ALA B 332 -20.38 -18.06 -5.41
N GLU B 333 -19.38 -17.21 -5.35
CA GLU B 333 -18.02 -17.70 -5.36
C GLU B 333 -17.70 -18.44 -4.06
N ALA B 334 -18.39 -18.05 -3.01
CA ALA B 334 -18.29 -18.77 -1.73
C ALA B 334 -18.98 -20.15 -1.81
N LEU B 335 -20.06 -20.24 -2.57
CA LEU B 335 -20.72 -21.51 -2.78
C LEU B 335 -19.80 -22.43 -3.57
N ALA B 336 -19.17 -21.91 -4.61
CA ALA B 336 -18.32 -22.73 -5.45
C ALA B 336 -17.19 -23.27 -4.58
N SER B 337 -16.62 -22.42 -3.74
CA SER B 337 -15.44 -22.85 -2.99
C SER B 337 -15.83 -23.82 -1.88
N ALA B 338 -17.00 -23.57 -1.30
CA ALA B 338 -17.57 -24.48 -0.31
C ALA B 338 -17.74 -25.90 -0.94
N ARG B 339 -18.19 -25.97 -2.19
CA ARG B 339 -18.39 -27.28 -2.83
C ARG B 339 -17.03 -27.93 -3.04
N VAL B 340 -16.04 -27.14 -3.41
CA VAL B 340 -14.71 -27.68 -3.59
C VAL B 340 -14.20 -28.30 -2.30
N LEU B 341 -14.33 -27.58 -1.21
CA LEU B 341 -13.86 -28.04 0.09
C LEU B 341 -14.62 -29.28 0.59
N ALA B 342 -15.95 -29.24 0.55
CA ALA B 342 -16.73 -30.43 0.88
C ALA B 342 -16.34 -31.63 -0.01
N THR B 343 -16.01 -31.40 -1.28
CA THR B 343 -15.58 -32.51 -2.13
C THR B 343 -14.16 -32.96 -1.71
N GLY B 344 -13.34 -32.03 -1.29
CA GLY B 344 -12.01 -32.35 -0.75
C GLY B 344 -12.08 -33.21 0.51
N TYR B 345 -12.93 -32.83 1.45
CA TYR B 345 -13.13 -33.65 2.65
C TYR B 345 -13.49 -35.12 2.28
N ARG B 346 -14.40 -35.27 1.32
CA ARG B 346 -14.85 -36.54 0.86
C ARG B 346 -13.72 -37.26 0.10
N SER B 347 -12.97 -36.53 -0.72
CA SER B 347 -11.85 -37.15 -1.42
C SER B 347 -10.86 -37.81 -0.48
N HIS B 348 -10.59 -37.09 0.60
CA HIS B 348 -9.67 -37.57 1.62
C HIS B 348 -10.23 -38.86 2.25
N ALA B 349 -11.47 -38.81 2.72
CA ALA B 349 -12.12 -39.99 3.27
C ALA B 349 -12.03 -41.23 2.34
N GLU B 350 -12.20 -41.01 1.03
CA GLU B 350 -12.33 -42.12 0.10
C GLU B 350 -11.04 -42.39 -0.62
N GLY B 351 -10.00 -41.59 -0.47
CA GLY B 351 -8.72 -41.90 -1.15
C GLY B 351 -8.74 -41.81 -2.69
N ARG B 352 -9.64 -40.96 -3.19
CA ARG B 352 -10.04 -40.95 -4.58
C ARG B 352 -10.19 -39.56 -5.06
N VAL B 353 -9.86 -39.35 -6.33
CA VAL B 353 -10.16 -38.11 -7.05
C VAL B 353 -11.65 -38.05 -7.41
N LEU B 354 -12.32 -36.92 -7.16
CA LEU B 354 -13.79 -36.86 -7.24
C LEU B 354 -14.31 -35.69 -8.08
N ARG B 355 -15.47 -35.85 -8.71
CA ARG B 355 -16.17 -34.74 -9.34
C ARG B 355 -16.89 -33.99 -8.24
N LEU B 356 -17.23 -32.71 -8.47
CA LEU B 356 -18.05 -31.97 -7.49
C LEU B 356 -19.35 -32.66 -7.16
N SER B 357 -19.91 -33.40 -8.11
CA SER B 357 -21.11 -34.19 -7.82
C SER B 357 -20.85 -35.16 -6.67
N GLY B 358 -19.59 -35.49 -6.44
CA GLY B 358 -19.22 -36.45 -5.41
C GLY B 358 -18.81 -37.78 -6.00
N ALA B 359 -19.03 -37.95 -7.30
CA ALA B 359 -18.78 -39.21 -7.94
C ALA B 359 -17.34 -39.33 -8.32
N PRO B 360 -16.82 -40.54 -8.33
CA PRO B 360 -15.43 -40.76 -8.68
C PRO B 360 -15.12 -40.49 -10.13
N VAL B 361 -13.96 -39.97 -10.37
CA VAL B 361 -13.52 -39.85 -11.72
C VAL B 361 -13.24 -41.30 -12.13
#